data_3UZO
#
_entry.id   3UZO
#
_cell.length_a   55.881
_cell.length_b   75.980
_cell.length_c   79.123
_cell.angle_alpha   90.00
_cell.angle_beta   105.98
_cell.angle_gamma   90.00
#
_symmetry.space_group_name_H-M   'P 1 21 1'
#
loop_
_entity.id
_entity.type
_entity.pdbx_description
1 polymer 'Branched-chain-amino-acid aminotransferase'
2 non-polymer "PYRIDOXAL-5'-PHOSPHATE"
3 non-polymer 'GLUTAMIC ACID'
4 water water
#
_entity_poly.entity_id   1
_entity_poly.type   'polypeptide(L)'
_entity_poly.pdbx_seq_one_letter_code
;MRLTILGMTAHDSRPEQAKKLADIDWSTLGFSYIRTDLRYLAHWKDGEWDAGTLTEDNQIHLAEGSTALHYGQQCFEGLK
AYRCADGSINLFRPDQNAARMRMSCRRLLMPELSDEQFIDACLQVVRANEHFLPPYGTGGSLYLRPFVIGVGDNIGVRTA
PEFIFSVFCVPVGPYFKGGLTPTNFITSDYDRAAPHGTGAAKVGGNYAASLLPGYEAKKRDFADVIYLDPATHTTIEEAG
AANFFAITQDGQKFVTPQSPSILPSITKYSLLWLAEHRLGLEVEEGDIRIDELGKFSEAGACGTAAVITPIGGIQHGDDF
HVFYSESEPGPVTRRLYDELVGIQYGDKEAPEGWIVKV
;
_entity_poly.pdbx_strand_id   A,B
#
loop_
_chem_comp.id
_chem_comp.type
_chem_comp.name
_chem_comp.formula
PLP non-polymer PYRIDOXAL-5'-PHOSPHATE 'C8 H10 N O6 P'
#
# COMPACT_ATOMS: atom_id res chain seq x y z
N ILE A 24 1.11 12.97 -30.94
CA ILE A 24 1.13 14.38 -31.39
C ILE A 24 -0.29 14.89 -31.69
N ASP A 25 -1.24 13.97 -31.78
CA ASP A 25 -2.63 14.36 -32.04
C ASP A 25 -3.23 14.75 -30.69
N TRP A 26 -3.06 16.03 -30.35
CA TRP A 26 -3.54 16.55 -29.09
C TRP A 26 -5.02 16.30 -28.83
N SER A 27 -5.82 16.37 -29.89
CA SER A 27 -7.27 16.19 -29.77
C SER A 27 -7.73 14.82 -29.28
N THR A 28 -6.93 13.79 -29.50
CA THR A 28 -7.33 12.45 -29.08
C THR A 28 -6.62 12.00 -27.81
N LEU A 29 -5.89 12.93 -27.20
CA LEU A 29 -5.16 12.63 -25.98
C LEU A 29 -6.12 12.31 -24.84
N GLY A 30 -5.81 11.27 -24.09
CA GLY A 30 -6.63 10.90 -22.95
C GLY A 30 -5.73 10.98 -21.72
N PHE A 31 -5.69 9.92 -20.94
CA PHE A 31 -4.83 9.89 -19.76
C PHE A 31 -4.14 8.54 -19.78
N SER A 32 -3.12 8.42 -20.63
CA SER A 32 -2.36 7.18 -20.78
C SER A 32 -0.89 7.50 -20.99
N TYR A 33 -0.03 6.59 -20.53
CA TYR A 33 1.40 6.79 -20.65
C TYR A 33 1.91 6.92 -22.09
N ILE A 34 2.72 7.94 -22.28
CA ILE A 34 3.37 8.21 -23.55
C ILE A 34 4.78 8.54 -23.10
N ARG A 35 5.78 7.94 -23.73
CA ARG A 35 7.15 8.20 -23.33
C ARG A 35 7.66 9.53 -23.84
N THR A 36 8.01 10.41 -22.91
CA THR A 36 8.55 11.69 -23.33
C THR A 36 10.08 11.54 -23.34
N ASP A 37 10.79 12.56 -23.79
CA ASP A 37 12.24 12.45 -23.92
C ASP A 37 13.11 12.31 -22.67
N LEU A 38 12.96 13.21 -21.71
CA LEU A 38 13.79 13.17 -20.52
C LEU A 38 13.06 13.28 -19.20
N ARG A 39 13.55 12.56 -18.19
CA ARG A 39 12.97 12.61 -16.85
C ARG A 39 14.07 12.90 -15.83
N TYR A 40 13.66 13.44 -14.69
CA TYR A 40 14.55 13.80 -13.60
C TYR A 40 14.72 12.62 -12.64
N LEU A 41 15.95 12.42 -12.17
CA LEU A 41 16.24 11.33 -11.26
C LEU A 41 17.25 11.79 -10.21
N ALA A 42 16.94 11.55 -8.94
CA ALA A 42 17.82 11.91 -7.83
C ALA A 42 17.90 10.73 -6.89
N HIS A 43 19.05 10.61 -6.22
CA HIS A 43 19.28 9.51 -5.31
C HIS A 43 19.55 9.99 -3.89
N TRP A 44 19.05 9.24 -2.91
CA TRP A 44 19.27 9.56 -1.52
C TRP A 44 20.10 8.42 -0.95
N LYS A 45 21.13 8.77 -0.19
CA LYS A 45 21.98 7.76 0.41
C LYS A 45 22.87 8.42 1.46
N ASP A 46 23.20 7.67 2.50
CA ASP A 46 24.06 8.18 3.56
C ASP A 46 23.57 9.52 4.13
N GLY A 47 22.27 9.66 4.31
CA GLY A 47 21.74 10.89 4.89
C GLY A 47 21.40 12.10 4.02
N GLU A 48 21.54 12.02 2.70
CA GLU A 48 21.21 13.19 1.90
C GLU A 48 20.93 12.91 0.43
N TRP A 49 20.21 13.84 -0.21
CA TRP A 49 19.87 13.76 -1.63
C TRP A 49 20.98 14.33 -2.49
N ASP A 50 21.22 13.73 -3.65
CA ASP A 50 22.22 14.31 -4.55
C ASP A 50 21.49 15.40 -5.32
N ALA A 51 22.21 16.13 -6.17
CA ALA A 51 21.64 17.22 -6.93
C ALA A 51 20.58 16.78 -7.94
N GLY A 52 20.60 15.51 -8.34
CA GLY A 52 19.64 15.03 -9.30
C GLY A 52 20.14 15.30 -10.71
N THR A 53 19.68 14.52 -11.68
CA THR A 53 20.09 14.69 -13.06
C THR A 53 18.95 14.31 -14.01
N LEU A 54 19.12 14.66 -15.28
CA LEU A 54 18.13 14.30 -16.29
C LEU A 54 18.64 13.05 -17.00
N THR A 55 17.73 12.14 -17.30
CA THR A 55 18.09 10.92 -17.99
C THR A 55 17.00 10.58 -19.00
N GLU A 56 17.36 9.81 -20.02
CA GLU A 56 16.39 9.41 -21.03
C GLU A 56 15.77 8.04 -20.74
N ASP A 57 16.40 7.27 -19.85
CA ASP A 57 15.97 5.91 -19.57
C ASP A 57 14.47 5.53 -19.51
N ASN A 58 13.74 5.95 -18.49
CA ASN A 58 12.31 5.63 -18.33
C ASN A 58 12.05 4.25 -17.71
N GLN A 59 13.14 3.55 -17.38
CA GLN A 59 13.03 2.26 -16.71
C GLN A 59 13.75 2.46 -15.38
N ILE A 60 13.13 2.05 -14.28
CA ILE A 60 13.74 2.16 -12.97
C ILE A 60 14.47 0.85 -12.71
N HIS A 61 15.66 0.95 -12.13
CA HIS A 61 16.46 -0.23 -11.83
C HIS A 61 16.65 -0.27 -10.31
N LEU A 62 16.15 -1.33 -9.67
CA LEU A 62 16.27 -1.42 -8.20
C LEU A 62 16.47 -2.82 -7.65
N ALA A 63 16.97 -2.87 -6.41
CA ALA A 63 17.23 -4.13 -5.73
C ALA A 63 15.95 -4.95 -5.66
N GLU A 64 16.09 -6.26 -5.85
CA GLU A 64 14.94 -7.16 -5.81
C GLU A 64 14.22 -7.11 -4.48
N GLY A 65 14.94 -6.72 -3.44
CA GLY A 65 14.34 -6.63 -2.12
C GLY A 65 13.91 -5.22 -1.72
N SER A 66 13.95 -4.28 -2.67
CA SER A 66 13.57 -2.90 -2.39
C SER A 66 12.25 -2.79 -1.64
N THR A 67 12.19 -1.94 -0.61
CA THR A 67 10.97 -1.78 0.17
C THR A 67 9.84 -1.24 -0.70
N ALA A 68 10.19 -0.51 -1.76
CA ALA A 68 9.18 0.05 -2.65
C ALA A 68 8.39 -1.06 -3.35
N LEU A 69 9.00 -2.24 -3.44
CA LEU A 69 8.37 -3.38 -4.11
C LEU A 69 7.66 -4.35 -3.19
N HIS A 70 8.15 -4.46 -1.95
CA HIS A 70 7.60 -5.38 -0.97
C HIS A 70 6.75 -4.75 0.13
N TYR A 71 7.12 -3.56 0.58
CA TYR A 71 6.39 -2.94 1.68
C TYR A 71 5.73 -1.61 1.36
N GLY A 72 5.33 -1.45 0.10
CA GLY A 72 4.67 -0.24 -0.34
C GLY A 72 5.29 1.08 0.09
N GLN A 73 6.60 1.11 0.31
CA GLN A 73 7.22 2.37 0.72
C GLN A 73 7.42 3.19 -0.55
N GLN A 74 6.39 3.94 -0.88
CA GLN A 74 6.38 4.74 -2.10
C GLN A 74 5.30 5.82 -1.94
N CYS A 75 5.48 6.95 -2.61
CA CYS A 75 4.50 8.01 -2.57
C CYS A 75 4.68 8.80 -3.83
N PHE A 76 3.66 9.56 -4.22
CA PHE A 76 3.78 10.31 -5.44
C PHE A 76 2.91 11.55 -5.45
N GLU A 77 3.14 12.38 -6.46
CA GLU A 77 2.37 13.59 -6.63
C GLU A 77 1.87 13.65 -8.06
N GLY A 78 1.05 14.65 -8.33
CA GLY A 78 0.50 14.83 -9.66
C GLY A 78 0.18 16.29 -9.84
N LEU A 79 0.76 16.92 -10.86
CA LEU A 79 0.49 18.31 -11.14
C LEU A 79 0.72 18.56 -12.62
N LYS A 80 0.21 19.68 -13.12
CA LYS A 80 0.31 19.97 -14.55
C LYS A 80 0.96 21.28 -14.95
N ALA A 81 1.46 21.30 -16.17
CA ALA A 81 2.05 22.50 -16.77
C ALA A 81 1.06 22.83 -17.90
N TYR A 82 0.80 24.11 -18.11
CA TYR A 82 -0.15 24.52 -19.14
C TYR A 82 0.39 25.57 -20.10
N ARG A 83 0.01 25.47 -21.37
CA ARG A 83 0.43 26.44 -22.38
C ARG A 83 -0.60 27.55 -22.43
N CYS A 84 -0.19 28.78 -22.14
CA CYS A 84 -1.11 29.92 -22.16
C CYS A 84 -1.25 30.48 -23.58
N ALA A 85 -2.30 31.25 -23.80
CA ALA A 85 -2.54 31.85 -25.11
C ALA A 85 -1.40 32.78 -25.52
N ASP A 86 -0.81 33.47 -24.55
CA ASP A 86 0.27 34.38 -24.87
C ASP A 86 1.58 33.68 -25.12
N GLY A 87 1.57 32.35 -25.09
CA GLY A 87 2.80 31.60 -25.34
C GLY A 87 3.56 31.17 -24.10
N SER A 88 3.26 31.77 -22.95
CA SER A 88 3.95 31.40 -21.71
C SER A 88 3.47 30.04 -21.20
N ILE A 89 4.13 29.52 -20.17
CA ILE A 89 3.78 28.23 -19.58
C ILE A 89 3.53 28.33 -18.09
N ASN A 90 2.35 27.87 -17.67
CA ASN A 90 1.95 27.89 -16.27
C ASN A 90 2.13 26.56 -15.55
N LEU A 91 2.69 26.62 -14.35
CA LEU A 91 2.85 25.45 -13.50
C LEU A 91 1.92 25.86 -12.35
N PHE A 92 0.90 25.05 -12.08
CA PHE A 92 -0.11 25.34 -11.06
C PHE A 92 0.21 24.88 -9.63
N ARG A 93 0.31 25.83 -8.72
CA ARG A 93 0.60 25.59 -7.31
C ARG A 93 1.56 24.44 -6.96
N PRO A 94 2.75 24.39 -7.61
CA PRO A 94 3.70 23.31 -7.31
C PRO A 94 4.20 23.30 -5.86
N ASP A 95 4.16 24.45 -5.20
CA ASP A 95 4.57 24.54 -3.82
C ASP A 95 3.64 23.68 -2.94
N GLN A 96 2.37 23.62 -3.30
CA GLN A 96 1.40 22.83 -2.53
C GLN A 96 1.74 21.35 -2.67
N ASN A 97 2.08 20.90 -3.87
CA ASN A 97 2.44 19.51 -4.11
C ASN A 97 3.71 19.15 -3.34
N ALA A 98 4.69 20.05 -3.34
CA ALA A 98 5.94 19.81 -2.64
C ALA A 98 5.68 19.61 -1.16
N ALA A 99 4.86 20.48 -0.59
CA ALA A 99 4.53 20.39 0.83
C ALA A 99 3.79 19.09 1.12
N ARG A 100 2.86 18.74 0.25
CA ARG A 100 2.11 17.51 0.47
C ARG A 100 2.99 16.28 0.36
N MET A 101 3.93 16.28 -0.57
CA MET A 101 4.78 15.10 -0.71
C MET A 101 5.67 14.98 0.50
N ARG A 102 5.94 16.10 1.17
CA ARG A 102 6.76 16.10 2.37
C ARG A 102 5.97 15.36 3.45
N MET A 103 4.66 15.56 3.46
CA MET A 103 3.81 14.89 4.44
C MET A 103 3.68 13.41 4.11
N SER A 104 3.58 13.08 2.82
CA SER A 104 3.49 11.68 2.43
C SER A 104 4.79 10.97 2.81
N CYS A 105 5.93 11.61 2.52
CA CYS A 105 7.22 11.03 2.85
C CYS A 105 7.35 10.81 4.34
N ARG A 106 7.00 11.83 5.11
CA ARG A 106 7.09 11.75 6.56
C ARG A 106 6.29 10.56 7.09
N ARG A 107 5.09 10.36 6.55
CA ARG A 107 4.21 9.28 6.98
C ARG A 107 4.79 7.88 6.75
N LEU A 108 5.66 7.73 5.75
CA LEU A 108 6.26 6.44 5.46
C LEU A 108 7.74 6.38 5.81
N LEU A 109 8.19 7.33 6.64
CA LEU A 109 9.59 7.39 7.07
C LEU A 109 10.57 7.53 5.91
N MET A 110 10.17 8.26 4.88
CA MET A 110 11.05 8.48 3.74
C MET A 110 11.60 9.91 3.84
N PRO A 111 12.82 10.15 3.33
CA PRO A 111 13.45 11.48 3.37
C PRO A 111 12.63 12.51 2.60
N GLU A 112 12.53 13.72 3.17
CA GLU A 112 11.77 14.78 2.55
C GLU A 112 12.51 15.56 1.48
N LEU A 113 11.75 16.15 0.56
CA LEU A 113 12.31 16.97 -0.52
C LEU A 113 11.83 18.40 -0.35
N SER A 114 12.75 19.35 -0.41
CA SER A 114 12.43 20.76 -0.24
C SER A 114 11.67 21.26 -1.47
N ASP A 115 10.97 22.38 -1.32
CA ASP A 115 10.24 22.99 -2.45
C ASP A 115 11.27 23.28 -3.54
N GLU A 116 12.44 23.73 -3.09
CA GLU A 116 13.56 24.06 -3.96
C GLU A 116 13.87 22.97 -4.97
N GLN A 117 14.17 21.78 -4.47
CA GLN A 117 14.51 20.68 -5.35
C GLN A 117 13.29 20.11 -6.06
N PHE A 118 12.15 20.12 -5.41
CA PHE A 118 10.93 19.57 -6.00
C PHE A 118 10.50 20.41 -7.20
N ILE A 119 10.37 21.70 -6.97
CA ILE A 119 9.95 22.61 -8.03
C ILE A 119 11.00 22.68 -9.13
N ASP A 120 12.27 22.69 -8.74
CA ASP A 120 13.33 22.75 -9.75
C ASP A 120 13.28 21.51 -10.63
N ALA A 121 12.94 20.36 -10.04
CA ALA A 121 12.86 19.13 -10.81
C ALA A 121 11.72 19.20 -11.84
N CYS A 122 10.55 19.69 -11.43
CA CYS A 122 9.47 19.79 -12.40
C CYS A 122 9.80 20.83 -13.49
N LEU A 123 10.42 21.95 -13.11
CA LEU A 123 10.79 22.96 -14.11
C LEU A 123 11.74 22.34 -15.14
N GLN A 124 12.75 21.64 -14.66
CA GLN A 124 13.71 20.98 -15.56
C GLN A 124 12.99 20.04 -16.52
N VAL A 125 12.06 19.24 -16.00
CA VAL A 125 11.34 18.30 -16.84
C VAL A 125 10.43 19.03 -17.83
N VAL A 126 9.72 20.06 -17.40
CA VAL A 126 8.86 20.77 -18.35
C VAL A 126 9.70 21.40 -19.46
N ARG A 127 10.74 22.13 -19.08
CA ARG A 127 11.59 22.77 -20.08
C ARG A 127 12.22 21.82 -21.09
N ALA A 128 12.71 20.67 -20.61
CA ALA A 128 13.36 19.70 -21.48
C ALA A 128 12.38 18.95 -22.38
N ASN A 129 11.10 18.95 -22.00
CA ASN A 129 10.07 18.26 -22.78
C ASN A 129 9.01 19.24 -23.22
N GLU A 130 9.38 20.50 -23.41
CA GLU A 130 8.41 21.51 -23.81
C GLU A 130 7.64 21.19 -25.08
N HIS A 131 8.28 20.47 -26.00
CA HIS A 131 7.66 20.10 -27.25
C HIS A 131 6.50 19.10 -27.08
N PHE A 132 6.32 18.59 -25.86
CA PHE A 132 5.24 17.66 -25.57
C PHE A 132 4.06 18.38 -24.89
N LEU A 133 4.21 19.67 -24.66
CA LEU A 133 3.17 20.48 -24.04
C LEU A 133 2.08 20.81 -25.06
N PRO A 134 0.85 20.31 -24.84
CA PRO A 134 -0.26 20.58 -25.77
C PRO A 134 -0.48 22.08 -25.98
N PRO A 135 -0.57 22.53 -27.24
CA PRO A 135 -0.77 23.96 -27.51
C PRO A 135 -2.13 24.51 -27.05
N TYR A 136 -2.18 25.82 -26.87
CA TYR A 136 -3.42 26.48 -26.44
C TYR A 136 -4.47 26.23 -27.52
N GLY A 137 -5.69 25.92 -27.09
CA GLY A 137 -6.73 25.63 -28.06
C GLY A 137 -7.07 24.17 -27.89
N THR A 138 -6.07 23.38 -27.50
CA THR A 138 -6.27 21.97 -27.23
C THR A 138 -6.38 21.97 -25.71
N GLY A 139 -7.48 21.48 -25.18
CA GLY A 139 -7.61 21.48 -23.73
C GLY A 139 -6.65 20.52 -23.05
N GLY A 140 -5.49 20.29 -23.65
CA GLY A 140 -4.53 19.37 -23.05
C GLY A 140 -3.55 20.03 -22.08
N SER A 141 -2.75 19.22 -21.41
CA SER A 141 -1.79 19.75 -20.46
C SER A 141 -0.64 18.77 -20.41
N LEU A 142 0.43 19.17 -19.73
CA LEU A 142 1.59 18.31 -19.56
C LEU A 142 1.54 17.86 -18.11
N TYR A 143 1.20 16.60 -17.90
CA TYR A 143 1.09 16.03 -16.56
C TYR A 143 2.44 15.62 -16.01
N LEU A 144 2.71 16.03 -14.77
CA LEU A 144 3.98 15.71 -14.11
C LEU A 144 3.73 14.68 -13.02
N ARG A 145 4.62 13.69 -12.96
CA ARG A 145 4.51 12.63 -11.96
C ARG A 145 5.77 12.47 -11.11
N PRO A 146 5.87 13.25 -10.02
CA PRO A 146 7.03 13.18 -9.13
C PRO A 146 6.73 11.99 -8.22
N PHE A 147 7.76 11.23 -7.85
CA PHE A 147 7.54 10.10 -6.96
C PHE A 147 8.81 9.74 -6.21
N VAL A 148 8.63 9.13 -5.05
CA VAL A 148 9.74 8.71 -4.18
C VAL A 148 9.51 7.26 -3.82
N ILE A 149 10.56 6.46 -3.94
CA ILE A 149 10.48 5.03 -3.63
C ILE A 149 11.70 4.60 -2.83
N GLY A 150 11.46 3.66 -1.90
CA GLY A 150 12.54 3.13 -1.09
C GLY A 150 13.26 2.05 -1.89
N VAL A 151 14.59 2.11 -1.94
CA VAL A 151 15.35 1.12 -2.70
C VAL A 151 16.55 0.57 -1.92
N GLY A 152 17.37 -0.23 -2.60
CA GLY A 152 18.53 -0.83 -1.96
C GLY A 152 18.19 -2.19 -1.38
N ASP A 153 19.21 -3.01 -1.15
CA ASP A 153 19.04 -4.35 -0.60
C ASP A 153 18.32 -4.36 0.75
N ASN A 154 17.38 -5.30 0.89
CA ASN A 154 16.61 -5.42 2.13
C ASN A 154 15.69 -6.63 2.10
N ILE A 155 15.26 -7.09 3.27
CA ILE A 155 14.34 -8.22 3.36
C ILE A 155 13.32 -8.07 4.48
N GLY A 156 13.71 -7.42 5.57
CA GLY A 156 12.77 -7.24 6.66
C GLY A 156 11.98 -5.96 6.55
N VAL A 157 10.81 -5.93 7.19
CA VAL A 157 9.97 -4.75 7.17
C VAL A 157 10.70 -3.62 7.90
N ARG A 158 11.04 -2.57 7.16
CA ARG A 158 11.74 -1.43 7.74
C ARG A 158 11.87 -0.37 6.67
N THR A 159 12.32 0.82 7.05
CA THR A 159 12.50 1.87 6.07
C THR A 159 13.75 1.53 5.25
N ALA A 160 13.69 1.82 3.96
CA ALA A 160 14.80 1.54 3.03
C ALA A 160 16.09 2.27 3.38
N PRO A 161 17.24 1.70 3.00
CA PRO A 161 18.54 2.32 3.28
C PRO A 161 18.82 3.43 2.27
N GLU A 162 18.12 3.36 1.14
CA GLU A 162 18.28 4.36 0.09
C GLU A 162 16.95 4.67 -0.56
N PHE A 163 16.89 5.80 -1.27
CA PHE A 163 15.66 6.20 -1.93
C PHE A 163 15.95 6.85 -3.27
N ILE A 164 14.93 6.84 -4.12
CA ILE A 164 15.01 7.49 -5.41
C ILE A 164 13.87 8.48 -5.51
N PHE A 165 14.16 9.64 -6.09
CA PHE A 165 13.14 10.68 -6.31
C PHE A 165 13.21 10.90 -7.81
N SER A 166 12.07 10.82 -8.48
CA SER A 166 12.06 11.00 -9.92
C SER A 166 10.84 11.77 -10.37
N VAL A 167 10.95 12.44 -11.50
CA VAL A 167 9.83 13.18 -12.07
C VAL A 167 9.81 12.97 -13.57
N PHE A 168 8.72 12.41 -14.09
CA PHE A 168 8.59 12.24 -15.54
C PHE A 168 7.29 12.93 -15.91
N CYS A 169 7.12 13.25 -17.18
CA CYS A 169 5.91 13.93 -17.62
C CYS A 169 5.26 13.19 -18.77
N VAL A 170 3.96 13.45 -18.95
CA VAL A 170 3.17 12.81 -20.00
C VAL A 170 2.10 13.79 -20.47
N PRO A 171 2.04 14.07 -21.78
CA PRO A 171 1.01 15.00 -22.27
C PRO A 171 -0.32 14.28 -22.08
N VAL A 172 -1.34 14.98 -21.58
CA VAL A 172 -2.63 14.34 -21.36
C VAL A 172 -3.82 15.24 -21.65
N GLY A 173 -4.98 14.61 -21.81
CA GLY A 173 -6.22 15.33 -22.04
C GLY A 173 -7.13 15.03 -20.84
N PRO A 174 -8.38 14.60 -21.07
CA PRO A 174 -9.34 14.28 -20.02
C PRO A 174 -9.08 12.96 -19.26
N TYR A 175 -9.46 12.95 -17.98
CA TYR A 175 -9.31 11.78 -17.11
C TYR A 175 -10.63 11.03 -17.12
N PHE A 176 -11.70 11.74 -16.85
CA PHE A 176 -13.05 11.17 -16.83
C PHE A 176 -13.91 11.94 -17.81
N LYS A 177 -13.72 11.66 -19.09
CA LYS A 177 -14.45 12.36 -20.14
C LYS A 177 -13.97 13.79 -20.18
N GLY A 178 -14.57 14.56 -21.08
CA GLY A 178 -14.19 15.95 -21.21
C GLY A 178 -15.34 16.92 -21.42
N GLY A 179 -15.05 18.20 -21.19
CA GLY A 179 -16.07 19.23 -21.37
C GLY A 179 -17.25 19.05 -20.43
N LEU A 180 -17.02 19.36 -19.15
CA LEU A 180 -18.05 19.25 -18.11
C LEU A 180 -19.16 18.22 -18.32
N THR A 181 -18.79 17.01 -18.76
CA THR A 181 -19.79 15.98 -18.93
C THR A 181 -19.87 15.13 -17.67
N PRO A 182 -21.02 15.18 -16.98
CA PRO A 182 -21.19 14.41 -15.75
C PRO A 182 -21.11 12.90 -15.93
N THR A 183 -20.66 12.23 -14.87
CA THR A 183 -20.55 10.78 -14.86
C THR A 183 -21.12 10.32 -13.53
N ASN A 184 -21.42 9.03 -13.43
CA ASN A 184 -22.00 8.49 -12.21
C ASN A 184 -21.01 7.72 -11.35
N PHE A 185 -21.26 7.70 -10.06
CA PHE A 185 -20.42 7.00 -9.11
C PHE A 185 -21.30 6.09 -8.25
N ILE A 186 -20.67 5.10 -7.63
CA ILE A 186 -21.41 4.14 -6.82
C ILE A 186 -20.73 3.84 -5.48
N THR A 187 -21.54 3.65 -4.45
CA THR A 187 -21.04 3.36 -3.11
C THR A 187 -20.45 1.96 -3.10
N SER A 188 -19.60 1.68 -2.12
CA SER A 188 -18.97 0.37 -2.00
C SER A 188 -18.80 -0.04 -0.55
N ASP A 189 -18.83 -1.35 -0.30
CA ASP A 189 -18.63 -1.90 1.03
C ASP A 189 -17.14 -1.88 1.37
N TYR A 190 -16.31 -1.83 0.33
CA TYR A 190 -14.86 -1.81 0.53
C TYR A 190 -14.33 -0.46 0.99
N ASP A 191 -13.16 -0.49 1.61
CA ASP A 191 -12.51 0.72 2.10
C ASP A 191 -11.16 0.84 1.40
N ARG A 192 -10.79 2.06 1.03
CA ARG A 192 -9.51 2.29 0.38
C ARG A 192 -8.54 2.73 1.48
N ALA A 193 -9.09 3.17 2.61
CA ALA A 193 -8.27 3.64 3.71
C ALA A 193 -8.91 3.38 5.07
N ALA A 194 -8.06 3.28 6.11
CA ALA A 194 -8.53 3.05 7.47
C ALA A 194 -8.80 4.37 8.18
N PRO A 195 -9.53 4.31 9.31
CA PRO A 195 -9.82 5.54 10.06
C PRO A 195 -8.55 6.28 10.46
N HIS A 196 -7.52 5.51 10.82
CA HIS A 196 -6.24 6.09 11.23
C HIS A 196 -5.10 5.45 10.45
N GLY A 197 -5.28 5.41 9.14
CA GLY A 197 -4.27 4.82 8.26
C GLY A 197 -3.51 5.88 7.46
N THR A 198 -3.26 5.55 6.19
CA THR A 198 -2.50 6.43 5.32
C THR A 198 -3.38 7.20 4.32
N GLY A 199 -4.68 7.25 4.60
CA GLY A 199 -5.60 7.93 3.69
C GLY A 199 -5.33 9.40 3.42
N ALA A 200 -4.62 10.07 4.33
CA ALA A 200 -4.33 11.48 4.15
C ALA A 200 -3.04 11.71 3.37
N ALA A 201 -2.33 10.62 3.07
CA ALA A 201 -1.07 10.70 2.32
C ALA A 201 -1.28 10.12 0.94
N LYS A 202 -0.53 10.62 -0.03
CA LYS A 202 -0.64 10.15 -1.41
C LYS A 202 0.35 8.99 -1.60
N VAL A 203 -0.02 7.82 -1.06
CA VAL A 203 0.81 6.62 -1.14
C VAL A 203 0.13 5.47 -1.87
N GLY A 204 0.95 4.63 -2.51
CA GLY A 204 0.44 3.51 -3.29
C GLY A 204 -0.56 2.56 -2.64
N GLY A 205 -0.34 2.24 -1.38
CA GLY A 205 -1.25 1.34 -0.68
C GLY A 205 -2.72 1.74 -0.78
N ASN A 206 -3.00 3.05 -0.76
CA ASN A 206 -4.37 3.52 -0.85
C ASN A 206 -4.98 3.15 -2.18
N TYR A 207 -4.21 3.29 -3.26
CA TYR A 207 -4.71 2.98 -4.58
C TYR A 207 -4.81 1.49 -4.83
N ALA A 208 -3.90 0.72 -4.24
CA ALA A 208 -3.90 -0.72 -4.39
C ALA A 208 -5.24 -1.24 -3.85
N ALA A 209 -5.64 -0.72 -2.69
CA ALA A 209 -6.90 -1.11 -2.06
C ALA A 209 -8.13 -0.74 -2.89
N SER A 210 -8.02 0.34 -3.67
CA SER A 210 -9.15 0.81 -4.49
C SER A 210 -9.31 0.07 -5.81
N LEU A 211 -8.30 -0.73 -6.19
CA LEU A 211 -8.35 -1.45 -7.45
C LEU A 211 -9.59 -2.33 -7.65
N LEU A 212 -9.84 -3.27 -6.74
CA LEU A 212 -10.98 -4.16 -6.87
C LEU A 212 -12.31 -3.41 -6.90
N PRO A 213 -12.60 -2.60 -5.88
CA PRO A 213 -13.88 -1.87 -5.91
C PRO A 213 -14.00 -0.94 -7.11
N GLY A 214 -12.90 -0.34 -7.54
CA GLY A 214 -12.95 0.55 -8.69
C GLY A 214 -13.31 -0.24 -9.94
N TYR A 215 -12.78 -1.45 -10.02
CA TYR A 215 -13.06 -2.34 -11.15
C TYR A 215 -14.53 -2.73 -11.15
N GLU A 216 -15.04 -3.15 -9.99
CA GLU A 216 -16.43 -3.54 -9.87
C GLU A 216 -17.37 -2.40 -10.29
N ALA A 217 -16.98 -1.16 -10.02
CA ALA A 217 -17.82 -0.03 -10.39
C ALA A 217 -17.83 0.12 -11.91
N LYS A 218 -16.66 0.15 -12.50
CA LYS A 218 -16.53 0.32 -13.94
C LYS A 218 -17.30 -0.76 -14.72
N LYS A 219 -17.43 -1.94 -14.13
CA LYS A 219 -18.17 -3.03 -14.78
C LYS A 219 -19.66 -2.72 -14.77
N ARG A 220 -20.10 -1.98 -13.76
CA ARG A 220 -21.50 -1.61 -13.62
C ARG A 220 -21.75 -0.30 -14.34
N ASP A 221 -20.80 0.10 -15.17
CA ASP A 221 -20.88 1.33 -15.96
C ASP A 221 -20.70 2.63 -15.18
N PHE A 222 -20.14 2.54 -13.98
CA PHE A 222 -19.88 3.75 -13.19
C PHE A 222 -18.44 4.17 -13.39
N ALA A 223 -18.19 5.47 -13.28
CA ALA A 223 -16.85 6.02 -13.46
C ALA A 223 -15.91 5.55 -12.36
N ASP A 224 -16.42 5.51 -11.13
CA ASP A 224 -15.60 5.10 -10.00
C ASP A 224 -16.48 4.94 -8.77
N VAL A 225 -15.85 4.60 -7.65
CA VAL A 225 -16.56 4.43 -6.39
C VAL A 225 -16.41 5.69 -5.56
N ILE A 226 -17.44 6.05 -4.80
CA ILE A 226 -17.31 7.17 -3.91
C ILE A 226 -17.28 6.45 -2.58
N TYR A 227 -16.19 6.63 -1.84
CA TYR A 227 -16.03 5.97 -0.57
C TYR A 227 -16.67 6.70 0.61
N LEU A 228 -17.09 5.91 1.60
CA LEU A 228 -17.73 6.42 2.80
C LEU A 228 -16.75 6.22 3.95
N ASP A 229 -16.98 6.89 5.09
CA ASP A 229 -16.06 6.74 6.20
C ASP A 229 -15.93 5.26 6.57
N PRO A 230 -14.68 4.79 6.73
CA PRO A 230 -14.33 3.41 7.07
C PRO A 230 -15.02 2.88 8.33
N ALA A 231 -14.96 3.65 9.41
CA ALA A 231 -15.56 3.23 10.68
C ALA A 231 -17.05 2.97 10.70
N THR A 232 -17.83 3.72 9.92
CA THR A 232 -19.28 3.52 9.95
C THR A 232 -19.99 3.51 8.61
N HIS A 233 -19.31 3.98 7.55
CA HIS A 233 -19.92 4.04 6.23
C HIS A 233 -21.21 4.85 6.25
N THR A 234 -21.14 6.05 6.85
CA THR A 234 -22.31 6.91 6.94
C THR A 234 -22.10 8.25 6.25
N THR A 235 -20.85 8.66 6.12
CA THR A 235 -20.53 9.93 5.49
C THR A 235 -19.64 9.71 4.28
N ILE A 236 -19.66 10.68 3.37
CA ILE A 236 -18.84 10.60 2.15
C ILE A 236 -17.40 10.98 2.44
N GLU A 237 -16.46 10.24 1.85
CA GLU A 237 -15.04 10.51 2.02
C GLU A 237 -14.55 11.18 0.74
N GLU A 238 -14.35 10.38 -0.30
CA GLU A 238 -13.89 10.88 -1.61
C GLU A 238 -14.02 9.75 -2.64
N ALA A 239 -13.61 10.01 -3.88
CA ALA A 239 -13.70 9.02 -4.95
C ALA A 239 -12.49 8.11 -5.19
N GLY A 240 -11.40 8.30 -4.47
CA GLY A 240 -10.26 7.44 -4.71
C GLY A 240 -9.34 7.93 -5.82
N ALA A 241 -9.80 8.97 -6.53
CA ALA A 241 -9.02 9.57 -7.60
C ALA A 241 -9.42 11.05 -7.62
N ALA A 242 -10.27 11.43 -6.66
CA ALA A 242 -10.75 12.81 -6.55
C ALA A 242 -11.52 13.04 -5.24
N ASN A 243 -11.48 14.29 -4.77
CA ASN A 243 -12.21 14.66 -3.57
C ASN A 243 -13.65 14.89 -4.06
N PHE A 244 -14.57 15.08 -3.13
CA PHE A 244 -15.98 15.29 -3.46
C PHE A 244 -16.43 16.64 -2.92
N PHE A 245 -17.31 17.31 -3.66
CA PHE A 245 -17.87 18.57 -3.19
C PHE A 245 -19.32 18.62 -3.64
N ALA A 246 -20.13 19.43 -2.96
CA ALA A 246 -21.53 19.57 -3.32
C ALA A 246 -21.97 21.00 -3.08
N ILE A 247 -23.01 21.41 -3.80
CA ILE A 247 -23.55 22.76 -3.66
C ILE A 247 -24.98 22.61 -3.09
N THR A 248 -25.28 23.37 -2.05
CA THR A 248 -26.60 23.30 -1.42
C THR A 248 -27.72 23.68 -2.39
N GLN A 249 -28.94 23.26 -2.05
CA GLN A 249 -30.11 23.52 -2.90
C GLN A 249 -30.29 24.98 -3.32
N ASP A 250 -30.03 25.91 -2.41
CA ASP A 250 -30.19 27.33 -2.74
C ASP A 250 -29.02 27.85 -3.58
N GLY A 251 -28.06 26.96 -3.86
CA GLY A 251 -26.90 27.32 -4.65
C GLY A 251 -25.99 28.36 -4.01
N GLN A 252 -26.15 28.57 -2.71
CA GLN A 252 -25.34 29.58 -2.01
C GLN A 252 -24.16 29.05 -1.21
N LYS A 253 -24.08 27.72 -1.05
CA LYS A 253 -23.01 27.16 -0.24
C LYS A 253 -22.28 25.97 -0.88
N PHE A 254 -20.96 26.00 -0.75
CA PHE A 254 -20.06 24.99 -1.27
C PHE A 254 -19.68 24.10 -0.09
N VAL A 255 -20.03 22.82 -0.17
CA VAL A 255 -19.72 21.89 0.91
C VAL A 255 -18.82 20.74 0.48
N THR A 256 -17.85 20.42 1.32
CA THR A 256 -16.92 19.32 1.05
C THR A 256 -16.61 18.62 2.37
N PRO A 257 -16.40 17.30 2.34
CA PRO A 257 -16.11 16.57 3.57
C PRO A 257 -14.83 16.92 4.29
N GLN A 258 -14.86 16.77 5.61
CA GLN A 258 -13.70 17.04 6.46
C GLN A 258 -13.41 15.70 7.12
N SER A 259 -12.29 15.10 6.75
CA SER A 259 -11.93 13.81 7.27
C SER A 259 -10.43 13.59 7.31
N PRO A 260 -9.94 12.94 8.36
CA PRO A 260 -8.51 12.67 8.49
C PRO A 260 -8.06 11.54 7.56
N SER A 261 -9.02 10.84 6.96
CA SER A 261 -8.69 9.72 6.07
C SER A 261 -8.81 9.98 4.57
N ILE A 262 -9.02 11.24 4.18
CA ILE A 262 -9.10 11.55 2.76
C ILE A 262 -7.88 12.37 2.37
N LEU A 263 -7.57 12.40 1.08
CA LEU A 263 -6.41 13.14 0.63
C LEU A 263 -6.66 14.64 0.64
N PRO A 264 -5.70 15.43 1.15
CA PRO A 264 -5.91 16.87 1.16
C PRO A 264 -5.68 17.34 -0.29
N SER A 265 -6.76 17.31 -1.08
CA SER A 265 -6.74 17.70 -2.48
C SER A 265 -6.42 19.17 -2.71
N ILE A 266 -5.39 19.43 -3.52
CA ILE A 266 -5.01 20.78 -3.84
C ILE A 266 -6.12 21.43 -4.67
N THR A 267 -6.74 20.64 -5.55
CA THR A 267 -7.82 21.18 -6.37
C THR A 267 -8.98 21.58 -5.43
N LYS A 268 -9.26 20.74 -4.44
CA LYS A 268 -10.32 21.00 -3.47
C LYS A 268 -10.05 22.31 -2.72
N TYR A 269 -8.85 22.46 -2.15
CA TYR A 269 -8.54 23.69 -1.44
C TYR A 269 -8.59 24.90 -2.35
N SER A 270 -8.24 24.70 -3.62
CA SER A 270 -8.27 25.79 -4.56
C SER A 270 -9.74 26.21 -4.78
N LEU A 271 -10.60 25.22 -5.00
CA LEU A 271 -12.03 25.47 -5.21
C LEU A 271 -12.64 26.12 -3.98
N LEU A 272 -12.16 25.69 -2.82
CA LEU A 272 -12.63 26.23 -1.54
C LEU A 272 -12.35 27.73 -1.53
N TRP A 273 -11.16 28.12 -1.98
CA TRP A 273 -10.75 29.52 -2.02
C TRP A 273 -11.53 30.31 -3.06
N LEU A 274 -11.62 29.77 -4.28
CA LEU A 274 -12.33 30.42 -5.37
C LEU A 274 -13.80 30.62 -5.05
N ALA A 275 -14.42 29.60 -4.45
CA ALA A 275 -15.83 29.66 -4.10
C ALA A 275 -16.11 30.87 -3.21
N GLU A 276 -15.27 31.04 -2.19
CA GLU A 276 -15.45 32.14 -1.24
C GLU A 276 -15.06 33.52 -1.77
N HIS A 277 -13.80 33.66 -2.20
CA HIS A 277 -13.29 34.96 -2.64
C HIS A 277 -13.52 35.38 -4.10
N ARG A 278 -14.09 34.50 -4.91
CA ARG A 278 -14.32 34.87 -6.30
C ARG A 278 -15.77 34.70 -6.72
N LEU A 279 -16.43 33.66 -6.21
CA LEU A 279 -17.82 33.41 -6.56
C LEU A 279 -18.82 33.89 -5.51
N GLY A 280 -18.31 34.43 -4.42
CA GLY A 280 -19.18 34.94 -3.36
C GLY A 280 -20.06 33.90 -2.70
N LEU A 281 -19.59 32.66 -2.65
CA LEU A 281 -20.34 31.58 -2.02
C LEU A 281 -19.92 31.35 -0.59
N GLU A 282 -20.78 30.68 0.16
CA GLU A 282 -20.48 30.33 1.54
C GLU A 282 -19.68 29.04 1.39
N VAL A 283 -18.79 28.76 2.33
CA VAL A 283 -17.98 27.56 2.26
C VAL A 283 -17.95 26.81 3.58
N GLU A 284 -18.02 25.48 3.50
CA GLU A 284 -18.03 24.64 4.70
C GLU A 284 -17.35 23.30 4.50
N GLU A 285 -16.50 22.94 5.44
CA GLU A 285 -15.84 21.64 5.40
C GLU A 285 -16.49 20.88 6.55
N GLY A 286 -17.28 19.87 6.23
CA GLY A 286 -17.95 19.12 7.27
C GLY A 286 -18.49 17.80 6.79
N ASP A 287 -19.37 17.21 7.58
CA ASP A 287 -19.95 15.92 7.23
C ASP A 287 -21.03 16.02 6.16
N ILE A 288 -21.03 15.05 5.27
CA ILE A 288 -22.03 14.97 4.22
C ILE A 288 -22.50 13.51 4.30
N ARG A 289 -23.62 13.28 4.95
CA ARG A 289 -24.17 11.93 5.10
C ARG A 289 -24.67 11.42 3.76
N ILE A 290 -24.48 10.14 3.48
CA ILE A 290 -24.94 9.58 2.21
C ILE A 290 -26.44 9.52 2.12
N ASP A 291 -27.13 9.74 3.25
CA ASP A 291 -28.58 9.67 3.25
C ASP A 291 -29.23 11.06 3.14
N GLU A 292 -28.43 12.09 2.98
CA GLU A 292 -28.96 13.45 2.85
C GLU A 292 -28.49 14.13 1.59
N LEU A 293 -28.37 13.36 0.52
CA LEU A 293 -27.94 13.89 -0.77
C LEU A 293 -28.92 14.92 -1.31
N GLY A 294 -30.19 14.78 -0.94
CA GLY A 294 -31.23 15.70 -1.41
C GLY A 294 -31.00 17.12 -0.95
N LYS A 295 -30.08 17.28 -0.01
CA LYS A 295 -29.74 18.59 0.53
C LYS A 295 -28.92 19.43 -0.47
N PHE A 296 -28.46 18.79 -1.55
CA PHE A 296 -27.63 19.50 -2.52
C PHE A 296 -28.15 19.51 -3.94
N SER A 297 -28.10 20.69 -4.56
CA SER A 297 -28.56 20.86 -5.93
C SER A 297 -27.56 20.37 -6.99
N GLU A 298 -26.29 20.24 -6.60
CA GLU A 298 -25.25 19.77 -7.51
C GLU A 298 -24.13 19.10 -6.74
N ALA A 299 -23.36 18.25 -7.44
CA ALA A 299 -22.24 17.56 -6.84
C ALA A 299 -21.18 17.31 -7.91
N GLY A 300 -19.92 17.22 -7.49
CA GLY A 300 -18.85 16.98 -8.43
C GLY A 300 -17.64 16.39 -7.73
N ALA A 301 -16.71 15.88 -8.53
CA ALA A 301 -15.48 15.30 -8.02
C ALA A 301 -14.38 16.22 -8.56
N CYS A 302 -13.37 16.53 -7.74
CA CYS A 302 -12.30 17.41 -8.19
C CYS A 302 -10.91 16.84 -7.96
N GLY A 303 -9.99 17.21 -8.84
CA GLY A 303 -8.61 16.73 -8.72
C GLY A 303 -7.78 17.24 -9.88
N THR A 304 -6.49 16.91 -9.89
CA THR A 304 -5.62 17.35 -10.97
C THR A 304 -6.05 16.73 -12.29
N ALA A 305 -6.18 15.41 -12.31
CA ALA A 305 -6.58 14.73 -13.54
C ALA A 305 -8.03 15.00 -13.84
N ALA A 306 -8.85 14.91 -12.79
CA ALA A 306 -10.29 15.12 -12.88
C ALA A 306 -10.76 16.53 -13.25
N VAL A 307 -10.04 17.56 -12.81
CA VAL A 307 -10.45 18.95 -13.10
C VAL A 307 -11.97 19.02 -13.08
N ILE A 308 -12.54 18.99 -11.88
CA ILE A 308 -14.00 19.00 -11.69
C ILE A 308 -14.77 18.17 -12.72
N THR A 309 -15.21 17.01 -12.28
CA THR A 309 -15.99 16.09 -13.08
C THR A 309 -17.39 16.12 -12.46
N PRO A 310 -18.37 16.73 -13.15
CA PRO A 310 -19.73 16.79 -12.59
C PRO A 310 -20.24 15.41 -12.26
N ILE A 311 -20.94 15.29 -11.14
CA ILE A 311 -21.50 14.00 -10.75
C ILE A 311 -22.98 14.00 -11.13
N GLY A 312 -23.34 13.15 -12.08
CA GLY A 312 -24.71 13.07 -12.52
C GLY A 312 -25.56 12.52 -11.39
N GLY A 313 -25.17 11.36 -10.89
CA GLY A 313 -25.91 10.75 -9.80
C GLY A 313 -25.04 9.78 -9.01
N ILE A 314 -25.52 9.40 -7.83
CA ILE A 314 -24.77 8.47 -7.00
C ILE A 314 -25.65 7.28 -6.65
N GLN A 315 -25.13 6.07 -6.91
CA GLN A 315 -25.86 4.86 -6.59
C GLN A 315 -25.43 4.39 -5.20
N HIS A 316 -26.41 4.24 -4.32
CA HIS A 316 -26.14 3.76 -2.98
C HIS A 316 -27.17 2.65 -2.78
N GLY A 317 -26.71 1.40 -2.77
CA GLY A 317 -27.64 0.31 -2.62
C GLY A 317 -28.55 0.31 -3.84
N ASP A 318 -29.85 0.28 -3.63
CA ASP A 318 -30.79 0.26 -4.76
C ASP A 318 -31.29 1.65 -5.14
N ASP A 319 -30.71 2.68 -4.52
CA ASP A 319 -31.11 4.05 -4.80
C ASP A 319 -30.12 4.85 -5.64
N PHE A 320 -30.58 5.37 -6.77
CA PHE A 320 -29.74 6.19 -7.63
C PHE A 320 -30.22 7.60 -7.43
N HIS A 321 -29.33 8.48 -6.97
CA HIS A 321 -29.71 9.85 -6.70
C HIS A 321 -29.06 10.85 -7.65
N VAL A 322 -29.90 11.59 -8.37
CA VAL A 322 -29.42 12.59 -9.31
C VAL A 322 -29.59 13.95 -8.65
N PHE A 323 -28.51 14.73 -8.60
CA PHE A 323 -28.57 16.04 -7.97
C PHE A 323 -29.14 17.09 -8.89
N TYR A 324 -28.60 17.14 -10.11
CA TYR A 324 -29.00 18.13 -11.09
C TYR A 324 -29.38 17.53 -12.43
N SER A 325 -28.41 16.93 -13.10
CA SER A 325 -28.64 16.34 -14.40
C SER A 325 -27.61 15.26 -14.68
N GLU A 326 -28.02 14.27 -15.46
CA GLU A 326 -27.14 13.17 -15.80
C GLU A 326 -26.43 13.50 -17.12
N SER A 327 -26.75 14.65 -17.70
CA SER A 327 -26.15 15.07 -18.96
C SER A 327 -25.55 16.47 -18.98
N GLU A 328 -26.03 17.34 -18.10
CA GLU A 328 -25.54 18.71 -18.03
C GLU A 328 -25.01 19.02 -16.65
N PRO A 329 -23.96 19.87 -16.55
CA PRO A 329 -23.37 20.24 -15.27
C PRO A 329 -24.24 21.33 -14.62
N GLY A 330 -24.20 21.39 -13.29
CA GLY A 330 -24.97 22.42 -12.61
C GLY A 330 -24.35 23.78 -12.92
N PRO A 331 -25.09 24.89 -12.67
CA PRO A 331 -24.54 26.22 -12.94
C PRO A 331 -23.39 26.64 -12.03
N VAL A 332 -23.43 26.25 -10.76
CA VAL A 332 -22.35 26.62 -9.86
C VAL A 332 -21.09 25.83 -10.21
N THR A 333 -21.27 24.56 -10.57
CA THR A 333 -20.15 23.69 -10.97
C THR A 333 -19.45 24.31 -12.18
N ARG A 334 -20.24 24.75 -13.16
CA ARG A 334 -19.69 25.37 -14.36
C ARG A 334 -18.86 26.61 -14.03
N ARG A 335 -19.33 27.42 -13.10
CA ARG A 335 -18.61 28.63 -12.69
C ARG A 335 -17.28 28.28 -12.04
N LEU A 336 -17.30 27.35 -11.09
CA LEU A 336 -16.07 26.92 -10.42
C LEU A 336 -15.07 26.39 -11.45
N TYR A 337 -15.57 25.59 -12.37
CA TYR A 337 -14.74 25.01 -13.41
C TYR A 337 -14.10 26.08 -14.31
N ASP A 338 -14.90 27.02 -14.79
CA ASP A 338 -14.38 28.08 -15.65
C ASP A 338 -13.33 28.93 -14.93
N GLU A 339 -13.56 29.19 -13.65
CA GLU A 339 -12.62 29.98 -12.85
C GLU A 339 -11.31 29.21 -12.65
N LEU A 340 -11.43 27.95 -12.24
CA LEU A 340 -10.25 27.12 -11.99
C LEU A 340 -9.42 26.92 -13.27
N VAL A 341 -10.07 26.48 -14.35
CA VAL A 341 -9.39 26.24 -15.61
C VAL A 341 -8.86 27.54 -16.23
N GLY A 342 -9.62 28.63 -16.08
CA GLY A 342 -9.20 29.91 -16.61
C GLY A 342 -7.89 30.36 -15.99
N ILE A 343 -7.76 30.13 -14.68
CA ILE A 343 -6.55 30.50 -13.96
C ILE A 343 -5.36 29.66 -14.44
N GLN A 344 -5.57 28.34 -14.48
CA GLN A 344 -4.52 27.42 -14.90
C GLN A 344 -3.95 27.76 -16.29
N TYR A 345 -4.82 28.06 -17.25
CA TYR A 345 -4.37 28.37 -18.60
C TYR A 345 -3.99 29.83 -18.84
N GLY A 346 -4.04 30.64 -17.79
CA GLY A 346 -3.67 32.05 -17.92
C GLY A 346 -4.72 32.99 -18.49
N ASP A 347 -5.96 32.55 -18.55
CA ASP A 347 -7.01 33.42 -19.09
C ASP A 347 -7.68 34.25 -18.02
N LYS A 348 -7.44 33.89 -16.76
CA LYS A 348 -8.00 34.63 -15.65
C LYS A 348 -6.90 34.98 -14.67
N GLU A 349 -7.06 36.12 -14.01
CA GLU A 349 -6.07 36.57 -13.04
C GLU A 349 -5.87 35.47 -11.99
N ALA A 350 -4.61 35.09 -11.77
CA ALA A 350 -4.30 34.07 -10.78
C ALA A 350 -4.13 34.69 -9.42
N PRO A 351 -4.56 33.98 -8.35
CA PRO A 351 -4.43 34.48 -6.98
C PRO A 351 -2.93 34.52 -6.70
N GLU A 352 -2.48 35.41 -5.82
CA GLU A 352 -1.06 35.52 -5.51
C GLU A 352 -0.47 34.19 -5.04
N GLY A 353 0.71 33.84 -5.53
CA GLY A 353 1.33 32.60 -5.11
C GLY A 353 0.96 31.42 -5.99
N TRP A 354 -0.25 31.45 -6.55
CA TRP A 354 -0.68 30.38 -7.43
C TRP A 354 -0.04 30.75 -8.76
N ILE A 355 0.49 29.77 -9.47
CA ILE A 355 1.11 29.96 -10.77
C ILE A 355 2.58 30.37 -10.78
N VAL A 356 3.38 29.47 -11.32
CA VAL A 356 4.81 29.68 -11.47
C VAL A 356 5.05 29.60 -12.97
N LYS A 357 5.58 30.68 -13.54
CA LYS A 357 5.86 30.72 -14.97
C LYS A 357 7.12 29.90 -15.23
N VAL A 358 7.05 28.98 -16.18
CA VAL A 358 8.19 28.12 -16.47
C VAL A 358 9.17 28.80 -17.42
N ILE B 24 28.98 -17.13 5.18
CA ILE B 24 28.91 -18.56 5.56
C ILE B 24 28.98 -18.75 7.07
N ASP B 25 29.11 -17.65 7.80
CA ASP B 25 29.18 -17.69 9.26
C ASP B 25 27.79 -17.87 9.86
N TRP B 26 27.19 -19.03 9.58
CA TRP B 26 25.85 -19.36 10.05
C TRP B 26 25.53 -18.86 11.45
N SER B 27 26.50 -18.97 12.35
CA SER B 27 26.35 -18.56 13.74
C SER B 27 25.75 -17.17 13.95
N THR B 28 26.44 -16.15 13.44
CA THR B 28 26.02 -14.77 13.61
C THR B 28 24.99 -14.28 12.60
N LEU B 29 24.57 -15.17 11.70
CA LEU B 29 23.58 -14.81 10.67
C LEU B 29 22.28 -14.32 11.31
N GLY B 30 21.78 -13.20 10.84
CA GLY B 30 20.54 -12.65 11.36
C GLY B 30 19.46 -12.68 10.28
N PHE B 31 18.62 -11.65 10.23
CA PHE B 31 17.57 -11.58 9.23
C PHE B 31 17.83 -10.35 8.35
N SER B 32 18.85 -10.44 7.51
CA SER B 32 19.22 -9.34 6.62
C SER B 32 19.45 -9.88 5.21
N TYR B 33 19.37 -9.00 4.23
CA TYR B 33 19.56 -9.42 2.86
C TYR B 33 21.01 -9.76 2.52
N ILE B 34 21.17 -10.92 1.87
CA ILE B 34 22.45 -11.40 1.41
C ILE B 34 22.18 -11.89 0.00
N ARG B 35 22.98 -11.45 -0.95
CA ARG B 35 22.79 -11.85 -2.33
C ARG B 35 23.17 -13.30 -2.58
N THR B 36 22.18 -14.12 -2.94
CA THR B 36 22.46 -15.51 -3.24
C THR B 36 22.71 -15.61 -4.74
N ASP B 37 23.05 -16.80 -5.22
CA ASP B 37 23.38 -16.97 -6.63
C ASP B 37 22.30 -16.79 -7.68
N LEU B 38 21.21 -17.56 -7.57
CA LEU B 38 20.16 -17.50 -8.58
C LEU B 38 18.77 -17.26 -8.01
N ARG B 39 17.97 -16.50 -8.74
CA ARG B 39 16.60 -16.23 -8.32
C ARG B 39 15.70 -16.57 -9.50
N TYR B 40 14.47 -16.97 -9.21
CA TYR B 40 13.49 -17.31 -10.24
C TYR B 40 12.81 -16.04 -10.74
N LEU B 41 12.65 -15.92 -12.06
CA LEU B 41 11.99 -14.75 -12.65
C LEU B 41 11.02 -15.14 -13.75
N ALA B 42 9.75 -14.77 -13.59
CA ALA B 42 8.72 -15.09 -14.57
C ALA B 42 7.98 -13.81 -14.98
N HIS B 43 7.50 -13.77 -16.23
CA HIS B 43 6.81 -12.60 -16.75
C HIS B 43 5.40 -12.93 -17.24
N TRP B 44 4.47 -11.99 -16.99
CA TRP B 44 3.10 -12.15 -17.44
C TRP B 44 2.80 -11.04 -18.43
N LYS B 45 2.19 -11.41 -19.55
CA LYS B 45 1.82 -10.45 -20.58
C LYS B 45 0.85 -11.09 -21.55
N ASP B 46 -0.10 -10.29 -22.01
CA ASP B 46 -1.12 -10.77 -22.93
C ASP B 46 -1.85 -12.00 -22.40
N GLY B 47 -2.30 -11.93 -21.16
CA GLY B 47 -3.05 -13.02 -20.57
C GLY B 47 -2.34 -14.24 -20.00
N GLU B 48 -1.03 -14.35 -20.14
CA GLU B 48 -0.37 -15.54 -19.61
C GLU B 48 1.07 -15.42 -19.12
N TRP B 49 1.40 -16.26 -18.15
CA TRP B 49 2.73 -16.34 -17.56
C TRP B 49 3.65 -17.13 -18.48
N ASP B 50 4.93 -16.76 -18.54
CA ASP B 50 5.88 -17.52 -19.35
C ASP B 50 6.37 -18.66 -18.46
N ALA B 51 7.26 -19.50 -18.99
CA ALA B 51 7.77 -20.63 -18.26
C ALA B 51 8.65 -20.24 -17.06
N GLY B 52 9.23 -19.04 -17.12
CA GLY B 52 10.08 -18.60 -16.04
C GLY B 52 11.50 -19.12 -16.20
N THR B 53 12.45 -18.49 -15.52
CA THR B 53 13.83 -18.91 -15.61
C THR B 53 14.62 -18.45 -14.39
N LEU B 54 15.85 -18.95 -14.25
CA LEU B 54 16.70 -18.56 -13.14
C LEU B 54 17.71 -17.54 -13.66
N THR B 55 17.94 -16.48 -12.89
CA THR B 55 18.87 -15.44 -13.29
C THR B 55 19.77 -15.11 -12.13
N GLU B 56 20.93 -14.54 -12.42
CA GLU B 56 21.87 -14.15 -11.38
C GLU B 56 21.72 -12.66 -11.05
N ASP B 57 21.05 -11.91 -11.92
CA ASP B 57 20.90 -10.46 -11.77
C ASP B 57 20.68 -9.92 -10.34
N ASN B 58 19.47 -10.06 -9.80
CA ASN B 58 19.12 -9.60 -8.45
C ASN B 58 18.64 -8.15 -8.44
N GLN B 59 18.55 -7.57 -9.63
CA GLN B 59 18.08 -6.22 -9.83
C GLN B 59 16.82 -6.29 -10.67
N ILE B 60 15.75 -5.62 -10.23
CA ILE B 60 14.51 -5.62 -10.99
C ILE B 60 14.48 -4.36 -11.86
N HIS B 61 14.06 -4.54 -13.11
CA HIS B 61 14.01 -3.45 -14.08
C HIS B 61 12.56 -3.30 -14.52
N LEU B 62 11.99 -2.13 -14.30
CA LEU B 62 10.60 -1.91 -14.66
C LEU B 62 10.29 -0.48 -15.08
N ALA B 63 9.19 -0.32 -15.82
CA ALA B 63 8.75 0.97 -16.31
C ALA B 63 8.58 1.96 -15.16
N GLU B 64 9.02 3.20 -15.41
CA GLU B 64 8.93 4.28 -14.41
C GLU B 64 7.50 4.48 -13.94
N GLY B 65 6.54 4.10 -14.76
CA GLY B 65 5.14 4.28 -14.39
C GLY B 65 4.50 3.01 -13.83
N SER B 66 5.31 1.98 -13.64
CA SER B 66 4.80 0.69 -13.13
C SER B 66 3.86 0.86 -11.95
N THR B 67 2.74 0.15 -11.99
CA THR B 67 1.75 0.22 -10.93
C THR B 67 2.32 -0.28 -9.60
N ALA B 68 3.36 -1.09 -9.64
CA ALA B 68 3.96 -1.58 -8.40
C ALA B 68 4.64 -0.44 -7.64
N LEU B 69 5.11 0.56 -8.37
CA LEU B 69 5.81 1.70 -7.76
C LEU B 69 4.90 2.89 -7.42
N HIS B 70 3.78 3.02 -8.13
CA HIS B 70 2.86 4.13 -7.90
C HIS B 70 1.58 3.79 -7.16
N TYR B 71 0.97 2.65 -7.48
CA TYR B 71 -0.29 2.26 -6.85
C TYR B 71 -0.26 1.01 -5.98
N GLY B 72 0.90 0.75 -5.39
CA GLY B 72 1.05 -0.39 -4.50
C GLY B 72 0.56 -1.73 -5.01
N GLN B 73 0.54 -1.94 -6.32
CA GLN B 73 0.08 -3.22 -6.85
C GLN B 73 1.24 -4.20 -6.76
N GLN B 74 1.30 -4.85 -5.60
CA GLN B 74 2.35 -5.79 -5.26
C GLN B 74 1.91 -6.69 -4.11
N CYS B 75 2.43 -7.91 -4.07
CA CYS B 75 2.13 -8.83 -2.99
C CYS B 75 3.30 -9.76 -2.87
N PHE B 76 3.45 -10.38 -1.72
CA PHE B 76 4.55 -11.31 -1.53
C PHE B 76 4.22 -12.39 -0.52
N GLU B 77 5.13 -13.35 -0.42
CA GLU B 77 4.99 -14.45 0.49
C GLU B 77 6.31 -14.63 1.22
N GLY B 78 6.34 -15.54 2.18
CA GLY B 78 7.54 -15.81 2.92
C GLY B 78 7.49 -17.21 3.51
N LEU B 79 8.41 -18.07 3.07
CA LEU B 79 8.46 -19.43 3.60
C LEU B 79 9.92 -19.82 3.72
N LYS B 80 10.19 -20.91 4.44
CA LYS B 80 11.55 -21.37 4.66
C LYS B 80 11.80 -22.83 4.28
N ALA B 81 13.07 -23.11 4.02
CA ALA B 81 13.55 -24.44 3.70
C ALA B 81 14.48 -24.74 4.87
N TYR B 82 14.46 -25.97 5.38
CA TYR B 82 15.30 -26.34 6.51
C TYR B 82 16.05 -27.64 6.24
N ARG B 83 17.33 -27.70 6.59
CA ARG B 83 18.06 -28.95 6.39
C ARG B 83 17.87 -29.82 7.63
N CYS B 84 17.46 -31.06 7.40
CA CYS B 84 17.23 -32.00 8.48
C CYS B 84 18.50 -32.71 8.93
N ALA B 85 18.43 -33.33 10.10
CA ALA B 85 19.57 -34.05 10.65
C ALA B 85 20.05 -35.14 9.71
N ASP B 86 19.12 -35.84 9.07
CA ASP B 86 19.48 -36.92 8.15
C ASP B 86 20.03 -36.39 6.84
N GLY B 87 20.18 -35.08 6.74
CA GLY B 87 20.71 -34.49 5.52
C GLY B 87 19.67 -34.10 4.49
N SER B 88 18.41 -34.45 4.72
CA SER B 88 17.35 -34.11 3.78
C SER B 88 16.93 -32.65 3.97
N ILE B 89 16.19 -32.12 3.00
CA ILE B 89 15.75 -30.72 3.06
C ILE B 89 14.23 -30.61 3.09
N ASN B 90 13.73 -29.83 4.03
CA ASN B 90 12.30 -29.63 4.18
C ASN B 90 11.83 -28.25 3.74
N LEU B 91 10.68 -28.22 3.08
CA LEU B 91 10.05 -26.99 2.65
C LEU B 91 8.73 -27.08 3.40
N PHE B 92 8.42 -26.07 4.19
CA PHE B 92 7.22 -26.08 5.03
C PHE B 92 5.94 -25.57 4.38
N ARG B 93 4.95 -26.48 4.26
CA ARG B 93 3.64 -26.16 3.70
C ARG B 93 3.67 -25.15 2.56
N PRO B 94 4.42 -25.44 1.48
CA PRO B 94 4.51 -24.53 0.33
C PRO B 94 3.14 -24.31 -0.31
N ASP B 95 2.29 -25.32 -0.24
CA ASP B 95 0.95 -25.25 -0.83
C ASP B 95 0.10 -24.13 -0.24
N GLN B 96 0.21 -23.93 1.06
CA GLN B 96 -0.55 -22.88 1.73
C GLN B 96 -0.12 -21.49 1.27
N ASN B 97 1.17 -21.31 1.05
CA ASN B 97 1.69 -20.02 0.59
C ASN B 97 1.18 -19.77 -0.83
N ALA B 98 1.11 -20.85 -1.61
CA ALA B 98 0.65 -20.77 -2.99
C ALA B 98 -0.79 -20.29 -2.98
N ALA B 99 -1.59 -20.91 -2.11
CA ALA B 99 -3.00 -20.59 -1.96
C ALA B 99 -3.18 -19.15 -1.51
N ARG B 100 -2.46 -18.74 -0.48
CA ARG B 100 -2.60 -17.38 0.03
C ARG B 100 -2.18 -16.30 -0.95
N MET B 101 -1.07 -16.50 -1.65
CA MET B 101 -0.63 -15.47 -2.59
C MET B 101 -1.61 -15.36 -3.75
N ARG B 102 -2.35 -16.43 -4.00
CA ARG B 102 -3.33 -16.43 -5.07
C ARG B 102 -4.45 -15.48 -4.63
N MET B 103 -4.80 -15.55 -3.34
CA MET B 103 -5.85 -14.68 -2.80
C MET B 103 -5.39 -13.23 -2.75
N SER B 104 -4.10 -13.00 -2.51
CA SER B 104 -3.54 -11.65 -2.47
C SER B 104 -3.55 -11.08 -3.89
N CYS B 105 -3.20 -11.91 -4.85
CA CYS B 105 -3.20 -11.49 -6.25
C CYS B 105 -4.61 -11.11 -6.67
N ARG B 106 -5.58 -11.93 -6.29
CA ARG B 106 -6.97 -11.66 -6.65
C ARG B 106 -7.42 -10.32 -6.10
N ARG B 107 -7.10 -10.08 -4.83
CA ARG B 107 -7.48 -8.84 -4.17
C ARG B 107 -7.00 -7.58 -4.90
N LEU B 108 -5.82 -7.64 -5.50
CA LEU B 108 -5.27 -6.49 -6.22
C LEU B 108 -5.40 -6.62 -7.73
N LEU B 109 -6.23 -7.56 -8.19
CA LEU B 109 -6.42 -7.74 -9.63
C LEU B 109 -5.16 -8.19 -10.37
N MET B 110 -4.33 -9.00 -9.72
CA MET B 110 -3.11 -9.48 -10.36
C MET B 110 -3.29 -10.95 -10.74
N PRO B 111 -2.69 -11.40 -11.86
CA PRO B 111 -2.85 -12.79 -12.24
C PRO B 111 -2.31 -13.73 -11.17
N GLU B 112 -2.94 -14.90 -11.06
CA GLU B 112 -2.59 -15.89 -10.05
C GLU B 112 -1.61 -16.95 -10.55
N LEU B 113 -0.92 -17.59 -9.61
CA LEU B 113 0.04 -18.62 -9.94
C LEU B 113 -0.46 -19.94 -9.35
N SER B 114 -0.38 -21.01 -10.14
CA SER B 114 -0.84 -22.32 -9.69
C SER B 114 0.12 -22.88 -8.64
N ASP B 115 -0.36 -23.82 -7.84
CA ASP B 115 0.47 -24.45 -6.82
C ASP B 115 1.74 -24.97 -7.49
N GLU B 116 1.56 -25.61 -8.66
CA GLU B 116 2.67 -26.16 -9.40
C GLU B 116 3.77 -25.14 -9.70
N GLN B 117 3.44 -24.08 -10.42
CA GLN B 117 4.44 -23.08 -10.76
C GLN B 117 5.03 -22.42 -9.52
N PHE B 118 4.20 -22.17 -8.52
CA PHE B 118 4.65 -21.55 -7.28
C PHE B 118 5.61 -22.48 -6.56
N ILE B 119 5.18 -23.73 -6.36
CA ILE B 119 6.01 -24.70 -5.67
C ILE B 119 7.29 -24.96 -6.43
N ASP B 120 7.18 -25.20 -7.74
CA ASP B 120 8.35 -25.48 -8.54
C ASP B 120 9.36 -24.34 -8.51
N ALA B 121 8.88 -23.11 -8.50
CA ALA B 121 9.79 -21.96 -8.48
C ALA B 121 10.56 -21.99 -7.16
N CYS B 122 9.88 -22.30 -6.07
CA CYS B 122 10.55 -22.36 -4.78
C CYS B 122 11.58 -23.49 -4.79
N LEU B 123 11.18 -24.65 -5.33
CA LEU B 123 12.08 -25.79 -5.41
C LEU B 123 13.33 -25.46 -6.21
N GLN B 124 13.14 -24.80 -7.35
CA GLN B 124 14.27 -24.44 -8.20
C GLN B 124 15.27 -23.56 -7.49
N VAL B 125 14.77 -22.53 -6.81
CA VAL B 125 15.61 -21.60 -6.09
C VAL B 125 16.38 -22.31 -4.99
N VAL B 126 15.69 -23.13 -4.20
CA VAL B 126 16.33 -23.85 -3.11
C VAL B 126 17.46 -24.73 -3.64
N ARG B 127 17.14 -25.58 -4.62
CA ARG B 127 18.13 -26.47 -5.21
C ARG B 127 19.31 -25.73 -5.80
N ALA B 128 19.05 -24.66 -6.55
CA ALA B 128 20.12 -23.89 -7.16
C ALA B 128 20.95 -23.13 -6.12
N ASN B 129 20.39 -22.93 -4.93
CA ASN B 129 21.09 -22.20 -3.87
C ASN B 129 21.29 -23.06 -2.63
N GLU B 130 21.30 -24.38 -2.82
CA GLU B 130 21.47 -25.30 -1.71
C GLU B 130 22.65 -24.97 -0.81
N HIS B 131 23.75 -24.49 -1.38
CA HIS B 131 24.92 -24.16 -0.58
C HIS B 131 24.71 -22.98 0.37
N PHE B 132 23.51 -22.40 0.38
CA PHE B 132 23.20 -21.29 1.27
C PHE B 132 22.27 -21.74 2.39
N LEU B 133 21.87 -23.01 2.34
CA LEU B 133 20.99 -23.55 3.37
C LEU B 133 21.84 -23.80 4.60
N PRO B 134 21.47 -23.20 5.75
CA PRO B 134 22.24 -23.40 6.97
C PRO B 134 22.21 -24.86 7.43
N PRO B 135 23.38 -25.46 7.64
CA PRO B 135 23.45 -26.86 8.08
C PRO B 135 22.78 -27.13 9.42
N TYR B 136 22.41 -28.38 9.65
CA TYR B 136 21.77 -28.76 10.89
C TYR B 136 22.75 -28.49 12.03
N GLY B 137 22.26 -27.89 13.10
CA GLY B 137 23.12 -27.55 14.22
C GLY B 137 23.02 -26.05 14.39
N THR B 138 22.92 -25.36 13.26
CA THR B 138 22.76 -23.92 13.24
C THR B 138 21.26 -23.74 13.09
N GLY B 139 20.64 -23.05 14.06
CA GLY B 139 19.21 -22.85 13.98
C GLY B 139 18.78 -21.94 12.86
N GLY B 140 19.59 -21.90 11.79
CA GLY B 140 19.26 -21.06 10.65
C GLY B 140 18.36 -21.74 9.64
N SER B 141 18.06 -21.03 8.56
CA SER B 141 17.20 -21.56 7.50
C SER B 141 17.35 -20.73 6.24
N LEU B 142 16.78 -21.22 5.14
CA LEU B 142 16.85 -20.50 3.87
C LEU B 142 15.48 -19.87 3.64
N TYR B 143 15.43 -18.55 3.78
CA TYR B 143 14.20 -17.80 3.62
C TYR B 143 13.92 -17.52 2.15
N LEU B 144 12.73 -17.91 1.70
CA LEU B 144 12.33 -17.71 0.32
C LEU B 144 11.35 -16.54 0.25
N ARG B 145 11.60 -15.63 -0.69
CA ARG B 145 10.72 -14.47 -0.87
C ARG B 145 10.11 -14.39 -2.26
N PRO B 146 8.96 -15.05 -2.44
CA PRO B 146 8.28 -15.02 -3.74
C PRO B 146 7.48 -13.73 -3.77
N PHE B 147 7.34 -13.10 -4.94
CA PHE B 147 6.54 -11.89 -5.01
C PHE B 147 6.05 -11.57 -6.41
N VAL B 148 4.92 -10.85 -6.47
CA VAL B 148 4.31 -10.46 -7.73
C VAL B 148 4.15 -8.94 -7.76
N ILE B 149 4.55 -8.32 -8.87
CA ILE B 149 4.46 -6.87 -9.00
C ILE B 149 3.94 -6.44 -10.36
N GLY B 150 3.11 -5.39 -10.37
CA GLY B 150 2.57 -4.87 -11.61
C GLY B 150 3.60 -4.01 -12.32
N VAL B 151 3.92 -4.35 -13.56
CA VAL B 151 4.90 -3.59 -14.33
C VAL B 151 4.35 -3.17 -15.68
N GLY B 152 5.19 -2.53 -16.50
CA GLY B 152 4.75 -2.08 -17.81
C GLY B 152 4.35 -0.62 -17.77
N ASP B 153 4.46 0.06 -18.91
CA ASP B 153 4.12 1.47 -19.01
C ASP B 153 2.70 1.78 -18.54
N ASN B 154 2.55 2.89 -17.81
CA ASN B 154 1.24 3.28 -17.30
C ASN B 154 1.28 4.58 -16.49
N ILE B 155 0.13 5.25 -16.36
CA ILE B 155 0.06 6.46 -15.56
C ILE B 155 -1.17 6.60 -14.68
N GLY B 156 -2.33 6.14 -15.15
CA GLY B 156 -3.52 6.27 -14.31
C GLY B 156 -3.76 5.06 -13.42
N VAL B 157 -4.52 5.23 -12.35
CA VAL B 157 -4.81 4.11 -11.44
C VAL B 157 -5.62 3.01 -12.12
N ARG B 158 -5.00 1.85 -12.27
CA ARG B 158 -5.63 0.71 -12.91
C ARG B 158 -4.68 -0.48 -12.75
N THR B 159 -5.14 -1.67 -13.09
CA THR B 159 -4.29 -2.83 -12.98
C THR B 159 -3.24 -2.76 -14.09
N ALA B 160 -2.02 -3.21 -13.80
CA ALA B 160 -0.94 -3.15 -14.79
C ALA B 160 -1.21 -4.05 -15.99
N PRO B 161 -0.56 -3.75 -17.13
CA PRO B 161 -0.76 -4.54 -18.34
C PRO B 161 0.20 -5.75 -18.33
N GLU B 162 1.19 -5.71 -17.45
CA GLU B 162 2.15 -6.78 -17.34
C GLU B 162 2.55 -7.01 -15.89
N PHE B 163 3.04 -8.21 -15.59
CA PHE B 163 3.45 -8.53 -14.23
C PHE B 163 4.72 -9.35 -14.19
N ILE B 164 5.36 -9.33 -13.03
CA ILE B 164 6.57 -10.09 -12.80
C ILE B 164 6.40 -10.93 -11.55
N PHE B 165 6.76 -12.21 -11.64
CA PHE B 165 6.72 -13.13 -10.52
C PHE B 165 8.17 -13.50 -10.30
N SER B 166 8.66 -13.32 -9.09
CA SER B 166 10.05 -13.65 -8.83
C SER B 166 10.20 -14.29 -7.46
N VAL B 167 11.20 -15.14 -7.35
CA VAL B 167 11.47 -15.79 -6.08
C VAL B 167 12.97 -15.78 -5.85
N PHE B 168 13.39 -15.14 -4.77
CA PHE B 168 14.80 -15.15 -4.43
C PHE B 168 14.88 -15.65 -3.01
N CYS B 169 16.07 -16.06 -2.59
CA CYS B 169 16.23 -16.59 -1.25
C CYS B 169 17.38 -15.93 -0.51
N VAL B 170 17.30 -15.99 0.82
CA VAL B 170 18.32 -15.43 1.67
C VAL B 170 18.47 -16.31 2.90
N PRO B 171 19.72 -16.63 3.27
CA PRO B 171 19.90 -17.48 4.46
C PRO B 171 19.68 -16.63 5.72
N VAL B 172 18.90 -17.15 6.66
CA VAL B 172 18.65 -16.43 7.91
C VAL B 172 19.04 -17.27 9.12
N GLY B 173 19.91 -16.72 9.98
CA GLY B 173 20.34 -17.43 11.16
C GLY B 173 19.21 -17.59 12.16
N PRO B 174 19.49 -18.17 13.34
CA PRO B 174 18.45 -18.36 14.36
C PRO B 174 17.84 -17.03 14.77
N TYR B 175 16.52 -17.03 15.00
CA TYR B 175 15.83 -15.82 15.38
C TYR B 175 16.08 -15.49 16.85
N PHE B 176 16.19 -16.52 17.69
CA PHE B 176 16.43 -16.34 19.12
C PHE B 176 17.83 -16.83 19.48
N LYS B 177 18.83 -16.00 19.27
CA LYS B 177 20.20 -16.39 19.60
C LYS B 177 20.36 -16.36 21.11
N GLY B 178 19.76 -17.36 21.76
CA GLY B 178 19.80 -17.47 23.21
C GLY B 178 18.60 -18.25 23.67
N GLY B 179 17.75 -18.61 22.71
CA GLY B 179 16.55 -19.38 23.02
C GLY B 179 15.33 -18.48 23.13
N LEU B 180 14.16 -19.10 23.17
CA LEU B 180 12.90 -18.36 23.29
C LEU B 180 13.02 -17.26 24.34
N THR B 181 12.77 -16.03 23.92
CA THR B 181 12.84 -14.89 24.81
C THR B 181 11.66 -13.97 24.54
N PRO B 182 10.91 -13.62 25.60
CA PRO B 182 9.76 -12.74 25.40
C PRO B 182 10.15 -11.30 25.11
N THR B 183 9.23 -10.58 24.47
CA THR B 183 9.43 -9.18 24.14
C THR B 183 8.10 -8.49 24.41
N ASN B 184 8.12 -7.16 24.55
CA ASN B 184 6.89 -6.43 24.83
C ASN B 184 6.34 -5.66 23.64
N PHE B 185 5.01 -5.64 23.54
CA PHE B 185 4.33 -4.94 22.47
C PHE B 185 3.43 -3.86 23.05
N ILE B 186 3.13 -2.86 22.23
CA ILE B 186 2.30 -1.75 22.66
C ILE B 186 1.19 -1.47 21.65
N THR B 187 0.06 -0.98 22.14
CA THR B 187 -1.08 -0.67 21.29
C THR B 187 -0.87 0.70 20.65
N SER B 188 -1.55 0.93 19.53
CA SER B 188 -1.41 2.22 18.84
C SER B 188 -2.74 2.68 18.29
N ASP B 189 -2.88 3.99 18.17
CA ASP B 189 -4.11 4.56 17.63
C ASP B 189 -4.12 4.41 16.11
N TYR B 190 -2.97 4.11 15.52
CA TYR B 190 -2.84 3.94 14.08
C TYR B 190 -3.38 2.59 13.61
N ASP B 191 -3.83 2.53 12.36
CA ASP B 191 -4.35 1.29 11.81
C ASP B 191 -3.45 0.84 10.67
N ARG B 192 -3.14 -0.45 10.66
CA ARG B 192 -2.31 -1.03 9.59
C ARG B 192 -3.26 -1.41 8.46
N ALA B 193 -4.54 -1.56 8.79
CA ALA B 193 -5.54 -1.93 7.78
C ALA B 193 -6.94 -1.41 8.08
N ALA B 194 -7.75 -1.28 7.04
CA ALA B 194 -9.12 -0.79 7.18
C ALA B 194 -10.02 -1.97 7.51
N PRO B 195 -11.26 -1.70 7.99
CA PRO B 195 -12.19 -2.76 8.33
C PRO B 195 -12.43 -3.68 7.13
N HIS B 196 -12.57 -3.08 5.96
CA HIS B 196 -12.80 -3.82 4.73
C HIS B 196 -11.76 -3.41 3.69
N GLY B 197 -10.50 -3.42 4.12
CA GLY B 197 -9.41 -3.05 3.25
C GLY B 197 -8.65 -4.26 2.75
N THR B 198 -7.32 -4.16 2.73
CA THR B 198 -6.48 -5.23 2.23
C THR B 198 -5.71 -5.98 3.31
N GLY B 199 -6.14 -5.83 4.55
CA GLY B 199 -5.45 -6.49 5.66
C GLY B 199 -5.42 -8.00 5.65
N ALA B 200 -6.31 -8.62 4.87
CA ALA B 200 -6.38 -10.07 4.79
C ALA B 200 -5.47 -10.59 3.68
N ALA B 201 -4.87 -9.68 2.93
CA ALA B 201 -3.96 -10.04 1.85
C ALA B 201 -2.56 -9.59 2.25
N LYS B 202 -1.55 -10.32 1.82
CA LYS B 202 -0.18 -9.96 2.15
C LYS B 202 0.32 -8.98 1.08
N VAL B 203 -0.03 -7.71 1.23
CA VAL B 203 0.38 -6.69 0.26
C VAL B 203 1.17 -5.57 0.91
N GLY B 204 2.06 -4.95 0.14
CA GLY B 204 2.91 -3.87 0.63
C GLY B 204 2.25 -2.71 1.35
N GLY B 205 1.06 -2.32 0.90
CA GLY B 205 0.36 -1.22 1.51
C GLY B 205 0.13 -1.38 3.01
N ASN B 206 -0.20 -2.59 3.44
CA ASN B 206 -0.42 -2.86 4.87
C ASN B 206 0.86 -2.58 5.65
N TYR B 207 1.98 -3.02 5.09
CA TYR B 207 3.26 -2.83 5.76
C TYR B 207 3.72 -1.38 5.76
N ALA B 208 3.45 -0.65 4.69
CA ALA B 208 3.84 0.76 4.59
C ALA B 208 3.17 1.50 5.73
N ALA B 209 1.90 1.22 5.93
CA ALA B 209 1.11 1.86 6.98
C ALA B 209 1.66 1.52 8.37
N SER B 210 2.28 0.36 8.51
CA SER B 210 2.83 -0.07 9.79
C SER B 210 4.20 0.53 10.12
N LEU B 211 4.84 1.16 9.14
CA LEU B 211 6.16 1.77 9.33
C LEU B 211 6.24 2.78 10.46
N LEU B 212 5.38 3.81 10.42
CA LEU B 212 5.42 4.84 11.45
C LEU B 212 5.12 4.30 12.84
N PRO B 213 3.98 3.64 13.04
CA PRO B 213 3.70 3.12 14.39
C PRO B 213 4.76 2.13 14.88
N GLY B 214 5.25 1.30 13.98
CA GLY B 214 6.28 0.34 14.35
C GLY B 214 7.53 1.07 14.81
N TYR B 215 7.84 2.17 14.12
CA TYR B 215 9.00 2.98 14.45
C TYR B 215 8.85 3.56 15.85
N GLU B 216 7.67 4.11 16.12
CA GLU B 216 7.38 4.72 17.42
C GLU B 216 7.47 3.70 18.56
N ALA B 217 6.94 2.50 18.32
CA ALA B 217 6.96 1.45 19.33
C ALA B 217 8.41 1.11 19.69
N LYS B 218 9.25 0.97 18.67
CA LYS B 218 10.65 0.64 18.88
C LYS B 218 11.40 1.81 19.51
N LYS B 219 10.88 3.02 19.31
CA LYS B 219 11.49 4.21 19.88
C LYS B 219 11.12 4.29 21.36
N ARG B 220 10.18 3.44 21.77
CA ARG B 220 9.73 3.37 23.15
C ARG B 220 10.30 2.10 23.77
N ASP B 221 11.16 1.43 23.02
CA ASP B 221 11.82 0.19 23.42
C ASP B 221 10.96 -1.07 23.25
N PHE B 222 9.84 -0.95 22.55
CA PHE B 222 8.97 -2.10 22.32
C PHE B 222 9.36 -2.77 21.01
N ALA B 223 9.19 -4.08 20.94
CA ALA B 223 9.53 -4.84 19.74
C ALA B 223 8.69 -4.35 18.55
N ASP B 224 7.41 -4.13 18.80
CA ASP B 224 6.51 -3.68 17.76
C ASP B 224 5.21 -3.28 18.43
N VAL B 225 4.19 -2.96 17.63
CA VAL B 225 2.92 -2.59 18.20
C VAL B 225 1.90 -3.71 17.96
N ILE B 226 0.85 -3.71 18.76
CA ILE B 226 -0.20 -4.68 18.59
C ILE B 226 -1.40 -3.88 18.13
N TYR B 227 -1.82 -4.11 16.89
CA TYR B 227 -2.96 -3.40 16.34
C TYR B 227 -4.24 -4.01 16.89
N LEU B 228 -5.21 -3.15 17.19
CA LEU B 228 -6.48 -3.59 17.79
C LEU B 228 -7.51 -4.10 16.80
N ASP B 229 -8.27 -3.18 16.23
CA ASP B 229 -9.29 -3.49 15.24
C ASP B 229 -9.78 -2.14 14.74
N PRO B 230 -9.62 -1.87 13.44
CA PRO B 230 -9.99 -0.65 12.73
C PRO B 230 -11.28 0.03 13.17
N ALA B 231 -12.36 -0.74 13.23
CA ALA B 231 -13.68 -0.20 13.58
C ALA B 231 -13.82 0.44 14.97
N THR B 232 -13.24 -0.17 16.00
CA THR B 232 -13.42 0.40 17.35
C THR B 232 -12.25 0.22 18.33
N HIS B 233 -11.14 -0.33 17.87
CA HIS B 233 -9.99 -0.54 18.73
C HIS B 233 -10.36 -1.09 20.11
N THR B 234 -11.02 -2.24 20.11
CA THR B 234 -11.43 -2.89 21.34
C THR B 234 -10.85 -4.30 21.41
N THR B 235 -10.81 -5.00 20.28
CA THR B 235 -10.28 -6.35 20.22
C THR B 235 -8.93 -6.40 19.52
N ILE B 236 -8.14 -7.43 19.79
CA ILE B 236 -6.82 -7.57 19.19
C ILE B 236 -6.88 -8.10 17.75
N GLU B 237 -5.98 -7.57 16.91
CA GLU B 237 -5.88 -7.98 15.51
C GLU B 237 -4.59 -8.75 15.30
N GLU B 238 -3.50 -8.02 15.09
CA GLU B 238 -2.18 -8.61 14.86
C GLU B 238 -1.08 -7.80 15.54
N ALA B 239 0.16 -8.25 15.39
CA ALA B 239 1.31 -7.59 15.99
C ALA B 239 2.15 -6.81 14.98
N GLY B 240 1.81 -6.91 13.70
CA GLY B 240 2.57 -6.18 12.70
C GLY B 240 3.26 -7.08 11.68
N ALA B 241 3.88 -8.15 12.17
CA ALA B 241 4.56 -9.09 11.30
C ALA B 241 4.23 -10.51 11.73
N ALA B 242 3.16 -10.64 12.52
CA ALA B 242 2.74 -11.95 13.01
C ALA B 242 1.32 -11.93 13.58
N ASN B 243 0.70 -13.11 13.64
CA ASN B 243 -0.63 -13.23 14.20
C ASN B 243 -0.47 -13.30 15.72
N PHE B 244 -1.58 -13.17 16.42
CA PHE B 244 -1.58 -13.19 17.88
C PHE B 244 -2.33 -14.39 18.42
N PHE B 245 -1.79 -15.00 19.46
CA PHE B 245 -2.46 -16.12 20.10
C PHE B 245 -2.26 -15.95 21.60
N ALA B 246 -3.20 -16.48 22.37
CA ALA B 246 -3.12 -16.40 23.83
C ALA B 246 -3.64 -17.71 24.40
N ILE B 247 -3.21 -18.02 25.61
CA ILE B 247 -3.63 -19.24 26.29
C ILE B 247 -4.30 -18.84 27.59
N THR B 248 -5.51 -19.33 27.82
CA THR B 248 -6.25 -18.99 29.03
C THR B 248 -5.45 -19.28 30.30
N GLN B 249 -5.92 -18.73 31.41
CA GLN B 249 -5.26 -18.92 32.71
C GLN B 249 -5.12 -20.39 33.07
N ASP B 250 -6.18 -21.15 32.84
CA ASP B 250 -6.19 -22.58 33.15
C ASP B 250 -5.39 -23.44 32.17
N GLY B 251 -4.71 -22.79 31.22
CA GLY B 251 -3.92 -23.51 30.24
C GLY B 251 -4.66 -24.58 29.47
N GLN B 252 -5.97 -24.44 29.38
CA GLN B 252 -6.78 -25.42 28.66
C GLN B 252 -7.14 -25.04 27.23
N LYS B 253 -7.26 -23.75 26.96
CA LYS B 253 -7.64 -23.30 25.63
C LYS B 253 -6.66 -22.35 24.92
N PHE B 254 -6.54 -22.55 23.62
CA PHE B 254 -5.69 -21.75 22.75
C PHE B 254 -6.64 -20.81 22.02
N VAL B 255 -6.47 -19.51 22.21
CA VAL B 255 -7.35 -18.55 21.54
C VAL B 255 -6.60 -17.63 20.60
N THR B 256 -7.17 -17.41 19.42
CA THR B 256 -6.57 -16.55 18.41
C THR B 256 -7.67 -15.72 17.78
N PRO B 257 -7.41 -14.42 17.56
CA PRO B 257 -8.42 -13.54 16.97
C PRO B 257 -8.93 -13.97 15.60
N GLN B 258 -10.23 -13.74 15.38
CA GLN B 258 -10.84 -14.06 14.10
C GLN B 258 -11.34 -12.74 13.55
N SER B 259 -10.75 -12.30 12.45
CA SER B 259 -11.11 -11.03 11.83
C SER B 259 -10.89 -11.08 10.33
N PRO B 260 -11.69 -10.34 9.57
CA PRO B 260 -11.55 -10.34 8.11
C PRO B 260 -10.49 -9.33 7.67
N SER B 261 -9.78 -8.77 8.65
CA SER B 261 -8.75 -7.78 8.36
C SER B 261 -7.35 -8.17 8.80
N ILE B 262 -7.17 -9.38 9.29
CA ILE B 262 -5.84 -9.79 9.70
C ILE B 262 -5.32 -10.79 8.69
N LEU B 263 -4.00 -10.92 8.59
CA LEU B 263 -3.43 -11.85 7.63
C LEU B 263 -3.61 -13.29 8.10
N PRO B 264 -4.04 -14.19 7.20
CA PRO B 264 -4.23 -15.59 7.58
C PRO B 264 -2.88 -16.30 7.73
N SER B 265 -2.20 -15.99 8.83
CA SER B 265 -0.90 -16.58 9.15
C SER B 265 -0.88 -18.10 9.01
N ILE B 266 0.07 -18.61 8.23
CA ILE B 266 0.17 -20.06 8.04
C ILE B 266 0.69 -20.68 9.33
N THR B 267 1.49 -19.92 10.07
CA THR B 267 2.04 -20.39 11.34
C THR B 267 0.89 -20.51 12.34
N LYS B 268 -0.01 -19.53 12.31
CA LYS B 268 -1.17 -19.49 13.20
C LYS B 268 -2.08 -20.71 12.99
N TYR B 269 -2.43 -20.99 11.74
CA TYR B 269 -3.30 -22.14 11.46
C TYR B 269 -2.59 -23.47 11.74
N SER B 270 -1.27 -23.46 11.68
CA SER B 270 -0.50 -24.66 11.96
C SER B 270 -0.59 -24.96 13.45
N LEU B 271 -0.35 -23.93 14.26
CA LEU B 271 -0.39 -24.04 15.71
C LEU B 271 -1.79 -24.44 16.16
N LEU B 272 -2.80 -23.82 15.55
CA LEU B 272 -4.18 -24.10 15.86
C LEU B 272 -4.43 -25.60 15.72
N TRP B 273 -3.85 -26.21 14.69
CA TRP B 273 -4.00 -27.64 14.46
C TRP B 273 -3.19 -28.43 15.48
N LEU B 274 -1.94 -28.03 15.64
CA LEU B 274 -1.03 -28.68 16.59
C LEU B 274 -1.63 -28.68 18.00
N ALA B 275 -2.10 -27.52 18.42
CA ALA B 275 -2.70 -27.37 19.74
C ALA B 275 -3.84 -28.36 20.01
N GLU B 276 -4.62 -28.64 18.98
CA GLU B 276 -5.75 -29.54 19.11
C GLU B 276 -5.42 -31.03 18.95
N HIS B 277 -4.53 -31.35 18.02
CA HIS B 277 -4.21 -32.76 17.78
C HIS B 277 -2.89 -33.24 18.36
N ARG B 278 -2.09 -32.33 18.89
CA ARG B 278 -0.80 -32.68 19.47
C ARG B 278 -0.76 -32.43 20.97
N LEU B 279 -1.26 -31.27 21.38
CA LEU B 279 -1.26 -30.91 22.79
C LEU B 279 -2.60 -31.22 23.46
N GLY B 280 -3.56 -31.69 22.68
CA GLY B 280 -4.87 -32.02 23.22
C GLY B 280 -5.50 -30.85 23.97
N LEU B 281 -5.37 -29.66 23.40
CA LEU B 281 -5.93 -28.47 24.01
C LEU B 281 -7.20 -28.00 23.33
N GLU B 282 -7.91 -27.09 24.00
CA GLU B 282 -9.13 -26.51 23.46
C GLU B 282 -8.65 -25.43 22.48
N VAL B 283 -9.35 -25.29 21.36
CA VAL B 283 -8.98 -24.30 20.36
C VAL B 283 -10.16 -23.36 20.08
N GLU B 284 -9.87 -22.07 19.97
CA GLU B 284 -10.93 -21.09 19.72
C GLU B 284 -10.52 -19.90 18.86
N GLU B 285 -11.22 -19.71 17.73
CA GLU B 285 -10.96 -18.58 16.85
C GLU B 285 -12.03 -17.55 17.18
N GLY B 286 -11.69 -16.55 17.97
CA GLY B 286 -12.67 -15.54 18.32
C GLY B 286 -12.06 -14.19 18.67
N ASP B 287 -12.82 -13.37 19.38
CA ASP B 287 -12.34 -12.05 19.76
C ASP B 287 -11.59 -12.03 21.08
N ILE B 288 -10.60 -11.16 21.17
CA ILE B 288 -9.81 -11.01 22.39
C ILE B 288 -9.73 -9.53 22.71
N ARG B 289 -10.61 -9.09 23.61
CA ARG B 289 -10.67 -7.69 24.02
C ARG B 289 -9.40 -7.32 24.80
N ILE B 290 -8.91 -6.11 24.55
CA ILE B 290 -7.71 -5.63 25.23
C ILE B 290 -7.96 -5.26 26.68
N ASP B 291 -9.21 -5.37 27.11
CA ASP B 291 -9.58 -5.05 28.49
C ASP B 291 -9.51 -6.29 29.37
N GLU B 292 -9.65 -7.45 28.75
CA GLU B 292 -9.62 -8.70 29.50
C GLU B 292 -8.41 -9.58 29.18
N LEU B 293 -7.22 -9.01 29.32
CA LEU B 293 -5.98 -9.76 29.07
C LEU B 293 -5.72 -10.70 30.24
N GLY B 294 -6.28 -10.36 31.40
CA GLY B 294 -6.10 -11.19 32.58
C GLY B 294 -6.69 -12.58 32.43
N LYS B 295 -7.45 -12.78 31.36
CA LYS B 295 -8.08 -14.06 31.11
C LYS B 295 -7.09 -15.07 30.55
N PHE B 296 -5.87 -14.62 30.27
CA PHE B 296 -4.87 -15.51 29.70
C PHE B 296 -3.58 -15.56 30.51
N SER B 297 -3.03 -16.76 30.65
CA SER B 297 -1.80 -16.96 31.41
C SER B 297 -0.56 -16.62 30.59
N GLU B 298 -0.72 -16.54 29.28
CA GLU B 298 0.40 -16.21 28.39
C GLU B 298 -0.07 -15.94 26.97
N ALA B 299 0.75 -15.22 26.22
CA ALA B 299 0.44 -14.87 24.83
C ALA B 299 1.71 -14.75 24.01
N GLY B 300 1.57 -14.74 22.69
CA GLY B 300 2.73 -14.62 21.83
C GLY B 300 2.38 -14.32 20.38
N ALA B 301 3.39 -13.96 19.61
CA ALA B 301 3.22 -13.66 18.20
C ALA B 301 3.78 -14.83 17.39
N CYS B 302 3.09 -15.19 16.32
CA CYS B 302 3.54 -16.30 15.48
C CYS B 302 3.70 -15.86 14.04
N GLY B 303 4.79 -16.29 13.42
CA GLY B 303 5.07 -15.93 12.04
C GLY B 303 6.20 -16.79 11.52
N THR B 304 6.47 -16.70 10.21
CA THR B 304 7.53 -17.48 9.60
C THR B 304 8.92 -17.09 10.10
N ALA B 305 9.19 -15.79 10.13
CA ALA B 305 10.49 -15.31 10.57
C ALA B 305 10.73 -15.52 12.06
N ALA B 306 9.75 -15.10 12.86
CA ALA B 306 9.84 -15.21 14.30
C ALA B 306 9.61 -16.63 14.81
N VAL B 307 8.65 -17.32 14.22
CA VAL B 307 8.31 -18.68 14.63
C VAL B 307 8.04 -18.64 16.13
N ILE B 308 6.92 -18.05 16.50
CA ILE B 308 6.52 -17.91 17.89
C ILE B 308 7.44 -16.99 18.69
N THR B 309 7.00 -15.76 18.91
CA THR B 309 7.74 -14.79 19.69
C THR B 309 6.96 -14.61 20.99
N PRO B 310 7.50 -15.11 22.11
CA PRO B 310 6.82 -14.98 23.39
C PRO B 310 6.57 -13.51 23.71
N ILE B 311 5.36 -13.19 24.15
CA ILE B 311 5.00 -11.83 24.50
C ILE B 311 5.03 -11.66 26.01
N GLY B 312 6.03 -10.95 26.52
CA GLY B 312 6.15 -10.73 27.93
C GLY B 312 4.97 -9.92 28.44
N GLY B 313 4.84 -8.72 27.91
CA GLY B 313 3.74 -7.86 28.32
C GLY B 313 3.27 -6.96 27.19
N ILE B 314 2.04 -6.45 27.34
CA ILE B 314 1.44 -5.55 26.36
C ILE B 314 1.10 -4.24 27.04
N GLN B 315 1.62 -3.16 26.49
CA GLN B 315 1.36 -1.83 27.03
C GLN B 315 0.15 -1.27 26.30
N HIS B 316 -0.93 -1.02 27.04
CA HIS B 316 -2.14 -0.46 26.46
C HIS B 316 -2.53 0.77 27.27
N GLY B 317 -2.04 1.92 26.83
CA GLY B 317 -2.33 3.16 27.52
C GLY B 317 -1.38 3.38 28.69
N ASP B 318 -1.92 3.40 29.89
CA ASP B 318 -1.14 3.63 31.09
C ASP B 318 -0.51 2.37 31.67
N ASP B 319 -1.30 1.30 31.78
CA ASP B 319 -0.79 0.06 32.37
C ASP B 319 -0.06 -0.88 31.41
N PHE B 320 0.85 -1.64 31.99
CA PHE B 320 1.66 -2.61 31.27
C PHE B 320 1.21 -3.96 31.82
N HIS B 321 0.53 -4.74 31.00
CA HIS B 321 0.03 -6.04 31.44
C HIS B 321 0.92 -7.22 31.06
N VAL B 322 1.51 -7.85 32.08
CA VAL B 322 2.36 -9.01 31.86
C VAL B 322 1.51 -10.27 32.04
N PHE B 323 1.61 -11.21 31.10
CA PHE B 323 0.83 -12.43 31.17
C PHE B 323 1.48 -13.50 32.03
N TYR B 324 2.69 -13.90 31.66
CA TYR B 324 3.43 -14.92 32.37
C TYR B 324 4.73 -14.40 32.96
N SER B 325 5.68 -14.12 32.08
CA SER B 325 6.98 -13.60 32.50
C SER B 325 7.52 -12.63 31.46
N GLU B 326 8.28 -11.65 31.91
CA GLU B 326 8.85 -10.66 31.01
C GLU B 326 10.24 -11.09 30.53
N SER B 327 10.69 -12.25 30.99
CA SER B 327 12.00 -12.76 30.61
C SER B 327 11.95 -14.27 30.30
N GLU B 328 10.86 -14.91 30.65
CA GLU B 328 10.71 -16.34 30.41
C GLU B 328 9.45 -16.68 29.63
N PRO B 329 9.56 -17.59 28.64
CA PRO B 329 8.43 -18.02 27.81
C PRO B 329 7.48 -18.92 28.61
N GLY B 330 6.19 -18.83 28.32
CA GLY B 330 5.21 -19.65 29.01
C GLY B 330 5.36 -21.12 28.69
N PRO B 331 4.89 -22.02 29.57
CA PRO B 331 4.98 -23.47 29.36
C PRO B 331 4.32 -23.97 28.08
N VAL B 332 3.07 -23.58 27.87
CA VAL B 332 2.37 -24.02 26.68
C VAL B 332 2.99 -23.43 25.41
N THR B 333 3.56 -22.23 25.55
CA THR B 333 4.20 -21.57 24.41
C THR B 333 5.44 -22.36 23.99
N ARG B 334 6.15 -22.91 24.98
CA ARG B 334 7.33 -23.71 24.70
C ARG B 334 6.93 -24.97 23.94
N ARG B 335 5.87 -25.61 24.42
CA ARG B 335 5.37 -26.84 23.80
C ARG B 335 5.08 -26.59 22.32
N LEU B 336 4.21 -25.63 22.04
CA LEU B 336 3.86 -25.28 20.67
C LEU B 336 5.11 -25.01 19.86
N TYR B 337 5.95 -24.10 20.35
CA TYR B 337 7.20 -23.73 19.67
C TYR B 337 8.08 -24.93 19.32
N ASP B 338 8.55 -25.64 20.36
CA ASP B 338 9.41 -26.79 20.14
C ASP B 338 8.78 -27.80 19.19
N GLU B 339 7.46 -27.94 19.28
CA GLU B 339 6.71 -28.86 18.44
C GLU B 339 6.79 -28.42 16.99
N LEU B 340 6.21 -27.25 16.70
CA LEU B 340 6.22 -26.71 15.34
C LEU B 340 7.63 -26.66 14.75
N VAL B 341 8.60 -26.29 15.58
CA VAL B 341 9.99 -26.21 15.11
C VAL B 341 10.56 -27.60 14.79
N GLY B 342 10.25 -28.59 15.63
CA GLY B 342 10.75 -29.93 15.39
C GLY B 342 10.28 -30.46 14.04
N ILE B 343 9.01 -30.22 13.73
CA ILE B 343 8.43 -30.67 12.47
C ILE B 343 9.14 -30.05 11.28
N GLN B 344 9.32 -28.74 11.31
CA GLN B 344 9.99 -28.03 10.22
C GLN B 344 11.39 -28.59 9.96
N TYR B 345 12.15 -28.79 11.02
CA TYR B 345 13.50 -29.33 10.88
C TYR B 345 13.55 -30.85 10.74
N GLY B 346 12.38 -31.48 10.79
CA GLY B 346 12.32 -32.93 10.63
C GLY B 346 12.70 -33.75 11.85
N ASP B 347 12.63 -33.15 13.02
CA ASP B 347 12.96 -33.88 14.25
C ASP B 347 11.70 -34.52 14.81
N LYS B 348 10.56 -33.89 14.58
CA LYS B 348 9.30 -34.42 15.04
C LYS B 348 8.50 -34.87 13.82
N GLU B 349 7.56 -35.78 14.02
CA GLU B 349 6.75 -36.29 12.91
C GLU B 349 5.83 -35.21 12.35
N ALA B 350 5.95 -34.96 11.06
CA ALA B 350 5.14 -33.95 10.39
C ALA B 350 3.76 -34.44 9.98
N PRO B 351 2.73 -33.62 10.21
CA PRO B 351 1.36 -33.99 9.84
C PRO B 351 1.26 -34.18 8.33
N GLU B 352 0.44 -35.14 7.92
CA GLU B 352 0.26 -35.44 6.50
C GLU B 352 0.02 -34.17 5.69
N GLY B 353 0.67 -34.08 4.53
CA GLY B 353 0.49 -32.91 3.68
C GLY B 353 1.51 -31.83 3.94
N TRP B 354 1.76 -31.54 5.22
CA TRP B 354 2.73 -30.52 5.60
C TRP B 354 4.09 -30.96 5.09
N ILE B 355 5.05 -30.04 5.08
CA ILE B 355 6.42 -30.30 4.64
C ILE B 355 6.59 -31.08 3.32
N VAL B 356 7.47 -30.55 2.48
CA VAL B 356 7.78 -31.13 1.17
C VAL B 356 9.29 -31.28 1.04
N LYS B 357 9.74 -32.50 0.76
CA LYS B 357 11.17 -32.78 0.60
C LYS B 357 11.70 -32.17 -0.69
N VAL B 358 12.87 -31.56 -0.62
CA VAL B 358 13.47 -30.93 -1.80
C VAL B 358 14.60 -31.77 -2.37
N1 PLP C . -8.21 12.00 -3.97
C2 PLP C . -7.33 11.00 -4.40
C2A PLP C . -7.52 9.59 -3.86
C3 PLP C . -6.30 11.37 -5.34
O3 PLP C . -5.44 10.43 -5.78
C4 PLP C . -6.19 12.73 -5.81
C4A PLP C . -5.02 13.08 -6.83
C5 PLP C . -7.16 13.73 -5.31
C6 PLP C . -8.15 13.35 -4.41
C5A PLP C . -7.17 15.16 -5.69
O4P PLP C . -6.04 15.87 -5.27
P PLP C . -5.37 16.96 -6.21
O1P PLP C . -4.90 16.38 -7.50
O2P PLP C . -4.22 17.49 -5.33
O3P PLP C . -6.38 18.07 -6.32
N GLU D . -2.74 10.45 -9.17
CA GLU D . -3.99 10.02 -9.84
C GLU D . -3.74 8.81 -10.72
O GLU D . -4.71 8.11 -11.06
CB GLU D . -4.55 11.15 -10.70
CG GLU D . -5.35 12.17 -9.93
CD GLU D . -6.06 13.15 -10.84
OE1 GLU D . -6.60 12.70 -11.88
OE2 GLU D . -6.08 14.34 -10.51
OXT GLU D . -2.56 8.60 -11.07
N1 PLP E . 0.74 -11.09 10.11
C2 PLP E . 1.47 -10.22 9.29
C2A PLP E . 1.05 -8.75 9.22
C3 PLP E . 2.58 -10.78 8.55
O3 PLP E . 3.31 -9.98 7.75
C4 PLP E . 2.91 -12.20 8.67
C4A PLP E . 4.13 -12.75 7.83
C5 PLP E . 2.08 -13.05 9.56
C6 PLP E . 1.02 -12.47 10.26
C5A PLP E . 2.28 -14.49 9.80
O4P PLP E . 1.98 -15.32 8.72
P PLP E . 2.89 -16.57 8.38
O1P PLP E . 4.31 -16.18 8.10
O2P PLP E . 2.17 -17.18 7.16
O3P PLP E . 2.69 -17.54 9.51
N GLU F . 6.48 -10.71 5.62
CA GLU F . 7.30 -10.70 6.85
C GLU F . 8.53 -9.84 6.68
O GLU F . 9.10 -9.42 7.70
CB GLU F . 7.73 -12.12 7.22
CG GLU F . 6.68 -12.91 7.96
CD GLU F . 7.21 -14.21 8.50
OE1 GLU F . 8.36 -14.21 9.01
OE2 GLU F . 6.49 -15.23 8.41
OXT GLU F . 8.90 -9.61 5.50
#